data_2EMJ
#
_entry.id   2EMJ
#
loop_
_entity.id
_entity.type
_entity.pdbx_description
1 polymer 'Zinc finger protein 28 homolog'
2 non-polymer 'ZINC ION'
#
_entity_poly.entity_id   1
_entity_poly.type   'polypeptide(L)'
_entity_poly.pdbx_seq_one_letter_code
;GSSGSSGTGEKPFECAECGKSFSISSQLATHQRIHTGEKPSGPSSG
;
_entity_poly.pdbx_strand_id   A
#
loop_
_chem_comp.id
_chem_comp.type
_chem_comp.name
_chem_comp.formula
ZN non-polymer 'ZINC ION' 'Zn 2'
#
# COMPACT_ATOMS: atom_id res chain seq x y z
N GLY A 1 -20.34 14.15 -24.58
CA GLY A 1 -18.92 14.03 -24.86
C GLY A 1 -18.09 13.83 -23.60
N SER A 2 -17.85 12.58 -23.25
CA SER A 2 -17.07 12.25 -22.06
C SER A 2 -15.75 11.60 -22.44
N SER A 3 -14.69 12.40 -22.47
CA SER A 3 -13.36 11.91 -22.81
C SER A 3 -12.49 11.77 -21.57
N GLY A 4 -11.58 10.81 -21.60
CA GLY A 4 -10.70 10.58 -20.48
C GLY A 4 -10.10 9.18 -20.47
N SER A 5 -9.10 8.95 -21.31
CA SER A 5 -8.47 7.65 -21.39
C SER A 5 -7.00 7.74 -20.99
N SER A 6 -6.63 6.98 -19.95
CA SER A 6 -5.26 6.97 -19.46
C SER A 6 -5.01 5.74 -18.59
N GLY A 7 -3.74 5.52 -18.25
CA GLY A 7 -3.38 4.39 -17.42
C GLY A 7 -2.03 4.56 -16.75
N THR A 8 -1.93 4.11 -15.50
CA THR A 8 -0.69 4.22 -14.75
C THR A 8 -0.26 2.87 -14.22
N GLY A 9 -0.42 1.83 -15.03
CA GLY A 9 -0.03 0.49 -14.62
C GLY A 9 -0.68 0.08 -13.32
N GLU A 10 -1.87 -0.53 -13.41
CA GLU A 10 -2.60 -0.97 -12.22
C GLU A 10 -2.13 -2.36 -11.79
N LYS A 11 -2.67 -2.84 -10.68
CA LYS A 11 -2.32 -4.15 -10.15
C LYS A 11 -3.33 -4.61 -9.11
N PRO A 12 -3.44 -5.94 -8.93
CA PRO A 12 -4.36 -6.54 -7.96
C PRO A 12 -3.94 -6.28 -6.53
N PHE A 13 -2.64 -6.12 -6.31
CA PHE A 13 -2.11 -5.87 -4.97
C PHE A 13 -1.66 -4.41 -4.83
N GLU A 14 -2.61 -3.53 -4.54
CA GLU A 14 -2.31 -2.11 -4.39
C GLU A 14 -2.33 -1.72 -2.91
N CYS A 15 -1.50 -0.75 -2.56
CA CYS A 15 -1.42 -0.27 -1.18
C CYS A 15 -2.18 1.03 -1.01
N ALA A 16 -3.13 1.04 -0.08
CA ALA A 16 -3.94 2.22 0.19
C ALA A 16 -3.45 2.94 1.44
N GLU A 17 -2.13 2.95 1.64
CA GLU A 17 -1.54 3.61 2.80
C GLU A 17 -0.56 4.68 2.37
N CYS A 18 0.26 4.38 1.37
CA CYS A 18 1.26 5.31 0.87
C CYS A 18 1.07 5.54 -0.63
N GLY A 19 0.81 4.46 -1.36
CA GLY A 19 0.62 4.55 -2.79
C GLY A 19 1.54 3.63 -3.56
N LYS A 20 1.78 2.44 -3.03
CA LYS A 20 2.65 1.46 -3.67
C LYS A 20 1.84 0.33 -4.28
N SER A 21 2.53 -0.59 -4.97
CA SER A 21 1.87 -1.72 -5.60
C SER A 21 2.84 -2.88 -5.77
N PHE A 22 2.29 -4.07 -5.98
CA PHE A 22 3.10 -5.27 -6.15
C PHE A 22 2.42 -6.26 -7.09
N SER A 23 3.12 -7.34 -7.43
CA SER A 23 2.58 -8.36 -8.31
C SER A 23 1.89 -9.47 -7.51
N ILE A 24 2.60 -10.01 -6.53
CA ILE A 24 2.06 -11.08 -5.70
C ILE A 24 1.78 -10.58 -4.29
N SER A 25 1.17 -11.43 -3.47
CA SER A 25 0.86 -11.07 -2.09
C SER A 25 2.12 -10.92 -1.26
N SER A 26 2.91 -11.98 -1.18
CA SER A 26 4.15 -11.97 -0.42
C SER A 26 4.81 -10.59 -0.49
N GLN A 27 4.89 -10.04 -1.69
CA GLN A 27 5.51 -8.74 -1.89
C GLN A 27 4.74 -7.66 -1.13
N LEU A 28 3.42 -7.67 -1.27
CA LEU A 28 2.58 -6.69 -0.59
C LEU A 28 2.68 -6.82 0.92
N ALA A 29 2.73 -8.06 1.40
CA ALA A 29 2.84 -8.33 2.82
C ALA A 29 4.12 -7.72 3.40
N THR A 30 5.26 -8.12 2.86
CA THR A 30 6.55 -7.61 3.32
C THR A 30 6.55 -6.09 3.35
N HIS A 31 5.61 -5.48 2.65
CA HIS A 31 5.50 -4.03 2.60
C HIS A 31 4.58 -3.51 3.70
N GLN A 32 3.34 -3.98 3.69
CA GLN A 32 2.36 -3.56 4.69
C GLN A 32 2.99 -3.45 6.07
N ARG A 33 4.08 -4.19 6.28
CA ARG A 33 4.78 -4.18 7.56
C ARG A 33 5.05 -2.75 8.01
N ILE A 34 5.70 -1.97 7.12
CA ILE A 34 6.03 -0.59 7.43
C ILE A 34 4.78 0.21 7.80
N HIS A 35 3.61 -0.37 7.52
CA HIS A 35 2.35 0.28 7.82
C HIS A 35 1.72 -0.31 9.08
N THR A 36 1.91 -1.60 9.28
CA THR A 36 1.36 -2.27 10.45
C THR A 36 2.14 -1.91 11.72
N GLY A 37 1.46 -1.24 12.64
CA GLY A 37 2.11 -0.84 13.88
C GLY A 37 1.28 0.15 14.67
N GLU A 38 0.62 1.07 13.96
CA GLU A 38 -0.21 2.08 14.61
C GLU A 38 -1.46 1.45 15.21
N LYS A 39 -2.29 2.28 15.84
CA LYS A 39 -3.52 1.80 16.46
C LYS A 39 -4.71 2.61 15.98
N PRO A 40 -5.18 2.31 14.76
CA PRO A 40 -6.33 3.00 14.15
C PRO A 40 -7.64 2.67 14.85
N SER A 41 -7.90 1.37 15.02
CA SER A 41 -9.12 0.92 15.67
C SER A 41 -8.81 -0.05 16.81
N GLY A 42 -9.85 -0.45 17.54
CA GLY A 42 -9.66 -1.37 18.65
C GLY A 42 -9.14 -2.72 18.20
N PRO A 43 -10.06 -3.66 17.95
CA PRO A 43 -9.72 -5.01 17.51
C PRO A 43 -9.16 -5.04 16.10
N SER A 44 -8.76 -6.22 15.64
CA SER A 44 -8.21 -6.38 14.30
C SER A 44 -9.30 -6.76 13.31
N SER A 45 -9.06 -6.49 12.03
CA SER A 45 -10.03 -6.79 10.98
C SER A 45 -10.51 -8.24 11.09
N GLY A 46 -9.58 -9.18 11.00
CA GLY A 46 -9.92 -10.58 11.10
C GLY A 46 -8.79 -11.42 11.66
ZN ZN B . 2.35 1.39 1.33
N GLY A 1 -6.55 18.99 -18.06
CA GLY A 1 -6.46 17.64 -17.54
C GLY A 1 -6.80 17.56 -16.07
N SER A 2 -5.79 17.32 -15.22
CA SER A 2 -5.99 17.23 -13.78
C SER A 2 -6.87 16.03 -13.44
N SER A 3 -6.61 14.90 -14.11
CA SER A 3 -7.37 13.68 -13.88
C SER A 3 -7.06 13.09 -12.51
N GLY A 4 -5.78 12.80 -12.28
CA GLY A 4 -5.36 12.24 -11.01
C GLY A 4 -4.79 10.84 -11.15
N SER A 5 -5.66 9.85 -11.26
CA SER A 5 -5.23 8.46 -11.40
C SER A 5 -4.25 8.31 -12.56
N SER A 6 -4.56 8.96 -13.68
CA SER A 6 -3.72 8.89 -14.86
C SER A 6 -3.29 7.45 -15.14
N GLY A 7 -4.25 6.55 -15.15
CA GLY A 7 -3.97 5.14 -15.41
C GLY A 7 -5.20 4.36 -15.81
N THR A 8 -5.18 3.82 -17.03
CA THR A 8 -6.31 3.05 -17.53
C THR A 8 -6.19 1.58 -17.14
N GLY A 9 -5.06 1.23 -16.52
CA GLY A 9 -4.83 -0.15 -16.10
C GLY A 9 -5.36 -0.42 -14.71
N GLU A 10 -5.22 -1.66 -14.25
CA GLU A 10 -5.68 -2.05 -12.93
C GLU A 10 -4.80 -3.16 -12.35
N LYS A 11 -4.18 -2.87 -11.21
CA LYS A 11 -3.31 -3.85 -10.55
C LYS A 11 -4.08 -4.65 -9.51
N PRO A 12 -3.76 -5.95 -9.39
CA PRO A 12 -4.41 -6.84 -8.43
C PRO A 12 -4.04 -6.51 -6.99
N PHE A 13 -2.84 -5.98 -6.80
CA PHE A 13 -2.37 -5.62 -5.46
C PHE A 13 -1.95 -4.16 -5.41
N GLU A 14 -2.76 -3.34 -4.75
CA GLU A 14 -2.48 -1.92 -4.62
C GLU A 14 -2.65 -1.45 -3.17
N CYS A 15 -1.59 -0.89 -2.61
CA CYS A 15 -1.63 -0.39 -1.23
C CYS A 15 -2.29 0.98 -1.17
N ALA A 16 -3.23 1.13 -0.24
CA ALA A 16 -3.94 2.39 -0.07
C ALA A 16 -3.44 3.13 1.18
N GLU A 17 -2.38 2.61 1.79
CA GLU A 17 -1.81 3.22 2.98
C GLU A 17 -0.79 4.29 2.61
N CYS A 18 0.01 4.01 1.58
CA CYS A 18 1.03 4.94 1.13
C CYS A 18 0.90 5.20 -0.37
N GLY A 19 0.50 4.17 -1.11
CA GLY A 19 0.34 4.30 -2.54
C GLY A 19 1.40 3.54 -3.32
N LYS A 20 1.43 2.23 -3.14
CA LYS A 20 2.40 1.38 -3.83
C LYS A 20 1.71 0.18 -4.46
N SER A 21 2.43 -0.52 -5.33
CA SER A 21 1.88 -1.69 -6.01
C SER A 21 2.88 -2.85 -5.97
N PHE A 22 2.38 -4.05 -6.26
CA PHE A 22 3.22 -5.24 -6.26
C PHE A 22 2.73 -6.26 -7.28
N SER A 23 3.47 -7.35 -7.43
CA SER A 23 3.11 -8.40 -8.38
C SER A 23 2.62 -9.64 -7.65
N ILE A 24 2.92 -9.72 -6.35
CA ILE A 24 2.51 -10.86 -5.55
C ILE A 24 2.09 -10.41 -4.15
N SER A 25 1.20 -11.18 -3.52
CA SER A 25 0.73 -10.87 -2.19
C SER A 25 1.87 -10.91 -1.17
N SER A 26 2.76 -11.87 -1.35
CA SER A 26 3.90 -12.04 -0.45
C SER A 26 4.68 -10.72 -0.32
N GLN A 27 4.86 -10.03 -1.45
CA GLN A 27 5.58 -8.77 -1.47
C GLN A 27 4.76 -7.67 -0.82
N LEU A 28 3.48 -7.62 -1.17
CA LEU A 28 2.58 -6.60 -0.62
C LEU A 28 2.52 -6.68 0.90
N ALA A 29 2.40 -7.90 1.42
CA ALA A 29 2.35 -8.12 2.85
C ALA A 29 3.63 -7.63 3.54
N THR A 30 4.76 -8.17 3.11
CA THR A 30 6.05 -7.79 3.68
C THR A 30 6.24 -6.28 3.67
N HIS A 31 5.43 -5.60 2.85
CA HIS A 31 5.51 -4.15 2.75
C HIS A 31 4.58 -3.48 3.76
N GLN A 32 3.39 -4.05 3.93
CA GLN A 32 2.42 -3.50 4.86
C GLN A 32 3.01 -3.38 6.27
N ARG A 33 4.08 -4.13 6.51
CA ARG A 33 4.74 -4.11 7.81
C ARG A 33 5.36 -2.74 8.08
N ILE A 34 6.04 -2.20 7.08
CA ILE A 34 6.68 -0.89 7.21
C ILE A 34 5.71 0.14 7.79
N HIS A 35 4.42 -0.11 7.63
CA HIS A 35 3.40 0.79 8.14
C HIS A 35 3.25 0.64 9.64
N THR A 36 3.42 -0.58 10.14
CA THR A 36 3.31 -0.85 11.56
C THR A 36 3.80 0.33 12.39
N GLY A 37 3.11 0.61 13.49
CA GLY A 37 3.49 1.71 14.35
C GLY A 37 3.15 3.07 13.76
N GLU A 38 3.87 4.10 14.18
CA GLU A 38 3.64 5.45 13.67
C GLU A 38 4.86 6.34 13.93
N LYS A 39 5.07 7.30 13.04
CA LYS A 39 6.20 8.22 13.16
C LYS A 39 5.92 9.29 14.21
N PRO A 40 6.99 9.83 14.82
CA PRO A 40 6.88 10.86 15.84
C PRO A 40 6.41 12.20 15.27
N SER A 41 6.36 12.28 13.94
CA SER A 41 5.94 13.50 13.27
C SER A 41 4.82 14.20 14.05
N GLY A 42 3.89 13.40 14.58
CA GLY A 42 2.80 13.97 15.34
C GLY A 42 2.42 13.10 16.53
N PRO A 43 2.01 13.76 17.63
CA PRO A 43 1.61 13.06 18.86
C PRO A 43 0.30 12.28 18.70
N SER A 44 0.13 11.26 19.52
CA SER A 44 -1.07 10.44 19.47
C SER A 44 -1.18 9.54 20.70
N SER A 45 -2.19 9.79 21.53
CA SER A 45 -2.39 9.00 22.73
C SER A 45 -2.80 7.57 22.40
N GLY A 46 -3.91 7.44 21.67
CA GLY A 46 -4.40 6.13 21.29
C GLY A 46 -5.55 6.19 20.31
ZN ZN B . 1.96 0.93 1.79
N GLY A 1 -6.53 11.03 -0.43
CA GLY A 1 -7.57 11.40 -1.36
C GLY A 1 -8.15 10.20 -2.10
N SER A 2 -9.47 10.11 -2.14
CA SER A 2 -10.13 9.00 -2.82
C SER A 2 -10.88 9.49 -4.07
N SER A 3 -11.59 10.61 -3.92
CA SER A 3 -12.35 11.18 -5.02
C SER A 3 -11.42 11.61 -6.17
N GLY A 4 -11.88 11.41 -7.39
CA GLY A 4 -11.08 11.77 -8.55
C GLY A 4 -10.00 10.75 -8.85
N SER A 5 -10.26 9.89 -9.83
CA SER A 5 -9.30 8.86 -10.21
C SER A 5 -9.75 8.15 -11.49
N SER A 6 -8.96 8.33 -12.56
CA SER A 6 -9.28 7.71 -13.84
C SER A 6 -8.24 6.66 -14.20
N GLY A 7 -8.64 5.39 -14.11
CA GLY A 7 -7.73 4.30 -14.44
C GLY A 7 -6.58 4.19 -13.46
N THR A 8 -6.91 3.99 -12.18
CA THR A 8 -5.90 3.87 -11.14
C THR A 8 -6.06 2.57 -10.37
N GLY A 9 -5.49 1.50 -10.91
CA GLY A 9 -5.58 0.20 -10.26
C GLY A 9 -5.58 -0.94 -11.24
N GLU A 10 -4.50 -1.08 -12.00
CA GLU A 10 -4.38 -2.14 -12.99
C GLU A 10 -3.88 -3.44 -12.35
N LYS A 11 -3.15 -3.29 -11.25
CA LYS A 11 -2.61 -4.44 -10.53
C LYS A 11 -3.57 -4.91 -9.44
N PRO A 12 -3.60 -6.23 -9.19
CA PRO A 12 -4.47 -6.82 -8.17
C PRO A 12 -4.02 -6.46 -6.75
N PHE A 13 -2.73 -6.24 -6.58
CA PHE A 13 -2.18 -5.90 -5.27
C PHE A 13 -1.79 -4.42 -5.22
N GLU A 14 -2.60 -3.64 -4.51
CA GLU A 14 -2.34 -2.21 -4.38
C GLU A 14 -2.46 -1.76 -2.93
N CYS A 15 -1.50 -0.97 -2.48
CA CYS A 15 -1.49 -0.47 -1.11
C CYS A 15 -2.35 0.78 -0.97
N ALA A 16 -3.18 0.82 0.07
CA ALA A 16 -4.06 1.95 0.32
C ALA A 16 -3.58 2.76 1.52
N GLU A 17 -2.28 2.98 1.60
CA GLU A 17 -1.70 3.74 2.69
C GLU A 17 -0.77 4.84 2.17
N CYS A 18 0.25 4.43 1.42
CA CYS A 18 1.20 5.37 0.86
C CYS A 18 1.00 5.53 -0.65
N GLY A 19 0.82 4.41 -1.34
CA GLY A 19 0.61 4.45 -2.77
C GLY A 19 1.61 3.58 -3.52
N LYS A 20 1.67 2.30 -3.17
CA LYS A 20 2.58 1.37 -3.81
C LYS A 20 1.88 0.06 -4.16
N SER A 21 2.24 -0.51 -5.30
CA SER A 21 1.63 -1.76 -5.75
C SER A 21 2.68 -2.86 -5.89
N PHE A 22 2.24 -4.10 -5.99
CA PHE A 22 3.14 -5.24 -6.13
C PHE A 22 2.58 -6.26 -7.11
N SER A 23 3.41 -7.23 -7.48
CA SER A 23 3.00 -8.27 -8.42
C SER A 23 2.42 -9.48 -7.67
N ILE A 24 2.99 -9.77 -6.51
CA ILE A 24 2.53 -10.89 -5.70
C ILE A 24 2.14 -10.44 -4.29
N SER A 25 1.09 -11.04 -3.74
CA SER A 25 0.62 -10.70 -2.41
C SER A 25 1.75 -10.80 -1.39
N SER A 26 2.63 -11.79 -1.59
CA SER A 26 3.75 -12.00 -0.68
C SER A 26 4.53 -10.71 -0.47
N GLN A 27 4.93 -10.07 -1.57
CA GLN A 27 5.68 -8.82 -1.50
C GLN A 27 4.87 -7.74 -0.79
N LEU A 28 3.62 -7.55 -1.23
CA LEU A 28 2.75 -6.55 -0.64
C LEU A 28 2.69 -6.70 0.88
N ALA A 29 2.36 -7.91 1.33
CA ALA A 29 2.27 -8.19 2.76
C ALA A 29 3.52 -7.72 3.49
N THR A 30 4.68 -8.05 2.92
CA THR A 30 5.96 -7.67 3.52
C THR A 30 6.10 -6.16 3.61
N HIS A 31 5.42 -5.44 2.71
CA HIS A 31 5.47 -3.99 2.70
C HIS A 31 4.58 -3.40 3.79
N GLN A 32 3.41 -4.00 3.98
CA GLN A 32 2.47 -3.53 5.00
C GLN A 32 3.14 -3.50 6.38
N ARG A 33 4.30 -4.15 6.49
CA ARG A 33 5.03 -4.19 7.74
C ARG A 33 5.45 -2.79 8.18
N ILE A 34 6.09 -2.05 7.27
CA ILE A 34 6.54 -0.70 7.57
C ILE A 34 5.36 0.21 7.90
N HIS A 35 4.15 -0.28 7.64
CA HIS A 35 2.93 0.48 7.91
C HIS A 35 2.37 0.13 9.28
N THR A 36 2.51 -1.14 9.66
CA THR A 36 2.01 -1.60 10.95
C THR A 36 3.09 -1.53 12.02
N GLY A 37 3.19 -0.37 12.66
CA GLY A 37 4.18 -0.17 13.71
C GLY A 37 3.68 -0.63 15.06
N GLU A 38 4.59 -0.70 16.03
CA GLU A 38 4.23 -1.13 17.37
C GLU A 38 5.41 -0.95 18.33
N LYS A 39 5.12 -0.81 19.62
CA LYS A 39 6.16 -0.64 20.63
C LYS A 39 5.59 -0.91 22.03
N PRO A 40 6.43 -1.51 22.89
CA PRO A 40 6.03 -1.82 24.27
C PRO A 40 5.88 -0.57 25.13
N SER A 41 6.44 0.54 24.66
CA SER A 41 6.38 1.80 25.39
C SER A 41 4.93 2.25 25.56
N GLY A 42 4.21 2.33 24.45
CA GLY A 42 2.82 2.74 24.50
C GLY A 42 1.86 1.60 24.23
N PRO A 43 1.55 0.82 25.27
CA PRO A 43 0.63 -0.32 25.16
C PRO A 43 -0.81 0.11 24.95
N SER A 44 -1.72 -0.86 24.98
CA SER A 44 -3.14 -0.58 24.77
C SER A 44 -3.94 -0.95 26.01
N SER A 45 -4.01 -0.03 26.96
CA SER A 45 -4.75 -0.25 28.20
C SER A 45 -5.13 1.06 28.86
N GLY A 46 -5.89 0.98 29.95
CA GLY A 46 -6.31 2.18 30.65
C GLY A 46 -7.68 2.04 31.28
ZN ZN B . 2.13 1.46 1.55
N GLY A 1 -14.42 1.14 -3.05
CA GLY A 1 -13.25 1.94 -3.38
C GLY A 1 -12.56 1.46 -4.64
N SER A 2 -13.28 1.49 -5.75
CA SER A 2 -12.73 1.05 -7.03
C SER A 2 -12.49 2.23 -7.96
N SER A 3 -11.33 2.87 -7.82
CA SER A 3 -10.98 4.03 -8.64
C SER A 3 -10.58 3.58 -10.05
N GLY A 4 -9.57 2.72 -10.11
CA GLY A 4 -9.10 2.24 -11.41
C GLY A 4 -7.64 1.83 -11.37
N SER A 5 -6.75 2.81 -11.46
CA SER A 5 -5.32 2.55 -11.44
C SER A 5 -5.00 1.24 -12.15
N SER A 6 -5.64 1.02 -13.30
CA SER A 6 -5.43 -0.20 -14.08
C SER A 6 -4.27 -0.03 -15.05
N GLY A 7 -4.29 1.06 -15.80
CA GLY A 7 -3.24 1.33 -16.76
C GLY A 7 -2.93 0.12 -17.63
N THR A 8 -1.70 0.04 -18.12
CA THR A 8 -1.28 -1.06 -18.97
C THR A 8 -0.64 -2.18 -18.15
N GLY A 9 -1.17 -2.40 -16.95
CA GLY A 9 -0.63 -3.43 -16.09
C GLY A 9 -1.68 -3.99 -15.14
N GLU A 10 -1.37 -5.14 -14.54
CA GLU A 10 -2.29 -5.78 -13.60
C GLU A 10 -1.71 -5.79 -12.20
N LYS A 11 -2.32 -5.02 -11.30
CA LYS A 11 -1.87 -4.94 -9.92
C LYS A 11 -2.91 -5.52 -8.98
N PRO A 12 -2.90 -6.86 -8.83
CA PRO A 12 -3.83 -7.57 -7.96
C PRO A 12 -3.55 -7.31 -6.48
N PHE A 13 -2.48 -6.58 -6.20
CA PHE A 13 -2.11 -6.26 -4.83
C PHE A 13 -1.40 -4.91 -4.76
N GLU A 14 -2.07 -3.94 -4.12
CA GLU A 14 -1.51 -2.60 -3.98
C GLU A 14 -1.88 -2.00 -2.63
N CYS A 15 -1.10 -1.01 -2.20
CA CYS A 15 -1.33 -0.34 -0.93
C CYS A 15 -2.15 0.93 -1.12
N ALA A 16 -3.19 1.08 -0.29
CA ALA A 16 -4.05 2.25 -0.37
C ALA A 16 -3.79 3.20 0.80
N GLU A 17 -2.53 3.31 1.19
CA GLU A 17 -2.14 4.19 2.29
C GLU A 17 -1.06 5.17 1.86
N CYS A 18 0.07 4.63 1.40
CA CYS A 18 1.18 5.45 0.95
C CYS A 18 1.19 5.59 -0.57
N GLY A 19 0.98 4.46 -1.26
CA GLY A 19 0.96 4.48 -2.71
C GLY A 19 2.03 3.59 -3.32
N LYS A 20 1.85 2.28 -3.19
CA LYS A 20 2.80 1.31 -3.72
C LYS A 20 2.08 0.05 -4.19
N SER A 21 2.16 -0.23 -5.49
CA SER A 21 1.51 -1.40 -6.06
C SER A 21 2.51 -2.53 -6.23
N PHE A 22 2.01 -3.76 -6.22
CA PHE A 22 2.85 -4.94 -6.37
C PHE A 22 2.25 -5.93 -7.37
N SER A 23 2.92 -7.07 -7.55
CA SER A 23 2.45 -8.08 -8.47
C SER A 23 1.76 -9.23 -7.73
N ILE A 24 2.35 -9.63 -6.62
CA ILE A 24 1.80 -10.72 -5.81
C ILE A 24 1.49 -10.24 -4.38
N SER A 25 0.98 -11.15 -3.57
CA SER A 25 0.65 -10.83 -2.19
C SER A 25 1.90 -10.75 -1.32
N SER A 26 2.74 -11.78 -1.41
CA SER A 26 3.97 -11.84 -0.64
C SER A 26 4.70 -10.49 -0.68
N GLN A 27 4.56 -9.79 -1.80
CA GLN A 27 5.19 -8.48 -1.95
C GLN A 27 4.52 -7.43 -1.08
N LEU A 28 3.20 -7.33 -1.19
CA LEU A 28 2.44 -6.37 -0.40
C LEU A 28 2.54 -6.68 1.09
N ALA A 29 2.64 -7.97 1.42
CA ALA A 29 2.75 -8.38 2.81
C ALA A 29 4.02 -7.84 3.45
N THR A 30 5.14 -8.01 2.76
CA THR A 30 6.43 -7.53 3.26
C THR A 30 6.44 -6.01 3.39
N HIS A 31 5.50 -5.36 2.72
CA HIS A 31 5.40 -3.90 2.76
C HIS A 31 4.48 -3.45 3.89
N GLN A 32 3.37 -4.16 4.05
CA GLN A 32 2.40 -3.83 5.10
C GLN A 32 3.06 -3.82 6.47
N ARG A 33 4.26 -4.37 6.54
CA ARG A 33 5.00 -4.42 7.80
C ARG A 33 5.37 -3.02 8.28
N ILE A 34 5.95 -2.23 7.39
CA ILE A 34 6.35 -0.87 7.72
C ILE A 34 5.13 0.00 8.03
N HIS A 35 3.95 -0.56 7.79
CA HIS A 35 2.70 0.16 8.04
C HIS A 35 2.09 -0.26 9.37
N THR A 36 2.28 -1.53 9.73
CA THR A 36 1.74 -2.06 10.97
C THR A 36 2.83 -2.20 12.02
N GLY A 37 2.47 -1.97 13.28
CA GLY A 37 3.42 -2.08 14.36
C GLY A 37 3.25 -3.35 15.17
N GLU A 38 2.42 -3.28 16.20
CA GLU A 38 2.16 -4.44 17.06
C GLU A 38 0.69 -4.51 17.44
N LYS A 39 0.15 -5.74 17.48
CA LYS A 39 -1.24 -5.95 17.84
C LYS A 39 -1.36 -6.77 19.11
N PRO A 40 -1.19 -6.12 20.26
CA PRO A 40 -1.28 -6.78 21.57
C PRO A 40 -2.70 -7.22 21.92
N SER A 41 -3.65 -6.80 21.08
CA SER A 41 -5.05 -7.15 21.29
C SER A 41 -5.47 -8.32 20.40
N GLY A 42 -5.82 -9.44 21.03
CA GLY A 42 -6.23 -10.61 20.28
C GLY A 42 -5.16 -11.09 19.31
N PRO A 43 -4.04 -11.56 19.87
CA PRO A 43 -2.91 -12.07 19.08
C PRO A 43 -3.24 -13.37 18.37
N SER A 44 -4.21 -14.10 18.90
CA SER A 44 -4.62 -15.38 18.32
C SER A 44 -6.11 -15.62 18.52
N SER A 45 -6.74 -16.28 17.56
CA SER A 45 -8.16 -16.57 17.62
C SER A 45 -8.40 -18.07 17.78
N GLY A 46 -8.58 -18.51 19.02
CA GLY A 46 -8.82 -19.92 19.28
C GLY A 46 -8.66 -20.27 20.75
ZN ZN B . 2.07 1.57 1.81
N GLY A 1 -11.72 9.04 -26.77
CA GLY A 1 -11.89 9.00 -25.33
C GLY A 1 -10.67 9.53 -24.58
N SER A 2 -9.99 8.64 -23.86
CA SER A 2 -8.81 9.03 -23.10
C SER A 2 -7.95 10.01 -23.87
N SER A 3 -7.65 11.15 -23.25
CA SER A 3 -6.85 12.18 -23.89
C SER A 3 -5.36 11.86 -23.78
N GLY A 4 -5.04 10.81 -23.01
CA GLY A 4 -3.66 10.42 -22.84
C GLY A 4 -3.40 9.80 -21.48
N SER A 5 -2.59 8.75 -21.45
CA SER A 5 -2.26 8.07 -20.20
C SER A 5 -1.07 7.13 -20.39
N SER A 6 0.01 7.40 -19.66
CA SER A 6 1.21 6.59 -19.76
C SER A 6 1.36 5.71 -18.52
N GLY A 7 0.25 5.12 -18.08
CA GLY A 7 0.28 4.26 -16.91
C GLY A 7 -0.26 4.95 -15.68
N THR A 8 -1.24 4.32 -15.03
CA THR A 8 -1.85 4.87 -13.83
C THR A 8 -1.65 3.94 -12.64
N GLY A 9 -1.79 2.64 -12.87
CA GLY A 9 -1.61 1.68 -11.80
C GLY A 9 -2.84 0.80 -11.61
N GLU A 10 -2.89 -0.31 -12.33
CA GLU A 10 -4.00 -1.24 -12.24
C GLU A 10 -3.53 -2.65 -11.88
N LYS A 11 -3.14 -2.84 -10.63
CA LYS A 11 -2.66 -4.13 -10.16
C LYS A 11 -3.61 -4.72 -9.13
N PRO A 12 -3.54 -6.05 -8.95
CA PRO A 12 -4.38 -6.76 -7.98
C PRO A 12 -4.00 -6.44 -6.53
N PHE A 13 -2.73 -6.09 -6.32
CA PHE A 13 -2.25 -5.77 -4.98
C PHE A 13 -1.79 -4.31 -4.91
N GLU A 14 -2.65 -3.46 -4.39
CA GLU A 14 -2.34 -2.04 -4.26
C GLU A 14 -2.43 -1.58 -2.81
N CYS A 15 -1.33 -1.01 -2.31
CA CYS A 15 -1.29 -0.54 -0.93
C CYS A 15 -2.16 0.70 -0.76
N ALA A 16 -3.05 0.67 0.23
CA ALA A 16 -3.94 1.80 0.50
C ALA A 16 -3.41 2.64 1.67
N GLU A 17 -2.09 2.75 1.75
CA GLU A 17 -1.47 3.54 2.83
C GLU A 17 -0.57 4.62 2.25
N CYS A 18 0.31 4.23 1.33
CA CYS A 18 1.23 5.18 0.70
C CYS A 18 0.92 5.33 -0.78
N GLY A 19 0.76 4.20 -1.47
CA GLY A 19 0.46 4.22 -2.89
C GLY A 19 1.45 3.42 -3.71
N LYS A 20 1.69 2.17 -3.28
CA LYS A 20 2.63 1.30 -3.98
C LYS A 20 1.98 -0.05 -4.29
N SER A 21 2.17 -0.53 -5.52
CA SER A 21 1.61 -1.81 -5.93
C SER A 21 2.69 -2.88 -6.00
N PHE A 22 2.27 -4.14 -5.95
CA PHE A 22 3.20 -5.26 -6.00
C PHE A 22 2.70 -6.34 -6.96
N SER A 23 3.62 -7.15 -7.45
CA SER A 23 3.27 -8.22 -8.39
C SER A 23 2.46 -9.31 -7.70
N ILE A 24 2.96 -9.78 -6.56
CA ILE A 24 2.28 -10.82 -5.81
C ILE A 24 1.87 -10.31 -4.42
N SER A 25 1.03 -11.08 -3.74
CA SER A 25 0.57 -10.71 -2.41
C SER A 25 1.73 -10.70 -1.41
N SER A 26 2.40 -11.84 -1.28
CA SER A 26 3.52 -11.96 -0.35
C SER A 26 4.34 -10.67 -0.33
N GLN A 27 4.74 -10.21 -1.51
CA GLN A 27 5.53 -8.98 -1.63
C GLN A 27 4.85 -7.82 -0.90
N LEU A 28 3.61 -7.55 -1.29
CA LEU A 28 2.85 -6.46 -0.68
C LEU A 28 2.85 -6.58 0.84
N ALA A 29 2.59 -7.79 1.34
CA ALA A 29 2.57 -8.04 2.77
C ALA A 29 3.86 -7.60 3.43
N THR A 30 4.99 -7.96 2.81
CA THR A 30 6.30 -7.59 3.34
C THR A 30 6.47 -6.08 3.38
N HIS A 31 5.62 -5.36 2.66
CA HIS A 31 5.67 -3.91 2.61
C HIS A 31 4.78 -3.29 3.69
N GLN A 32 3.48 -3.55 3.58
CA GLN A 32 2.52 -3.01 4.55
C GLN A 32 3.04 -3.16 5.97
N ARG A 33 3.96 -4.10 6.17
CA ARG A 33 4.53 -4.34 7.48
C ARG A 33 5.05 -3.04 8.10
N ILE A 34 5.64 -2.20 7.27
CA ILE A 34 6.18 -0.92 7.73
C ILE A 34 5.05 0.02 8.15
N HIS A 35 3.84 -0.27 7.69
CA HIS A 35 2.69 0.56 8.02
C HIS A 35 2.03 0.09 9.32
N THR A 36 2.00 -1.22 9.52
CA THR A 36 1.41 -1.79 10.72
C THR A 36 2.34 -1.66 11.92
N GLY A 37 3.62 -1.98 11.70
CA GLY A 37 4.59 -1.88 12.78
C GLY A 37 4.73 -3.18 13.55
N GLU A 38 5.38 -4.16 12.94
CA GLU A 38 5.58 -5.47 13.58
C GLU A 38 7.05 -5.71 13.88
N LYS A 39 7.60 -4.95 14.81
CA LYS A 39 9.01 -5.09 15.19
C LYS A 39 9.14 -5.31 16.70
N PRO A 40 10.13 -6.15 17.08
CA PRO A 40 10.39 -6.46 18.48
C PRO A 40 10.96 -5.27 19.25
N SER A 41 11.25 -4.19 18.53
CA SER A 41 11.80 -2.99 19.13
C SER A 41 13.19 -3.27 19.70
N GLY A 42 13.98 -4.05 18.97
CA GLY A 42 15.32 -4.37 19.42
C GLY A 42 16.06 -5.26 18.42
N PRO A 43 17.39 -5.08 18.34
CA PRO A 43 18.23 -5.86 17.43
C PRO A 43 18.36 -7.32 17.86
N SER A 44 17.65 -7.68 18.94
CA SER A 44 17.70 -9.04 19.46
C SER A 44 17.83 -10.05 18.32
N SER A 45 17.04 -9.84 17.26
CA SER A 45 17.07 -10.74 16.11
C SER A 45 16.36 -10.10 14.92
N GLY A 46 16.90 -10.35 13.73
CA GLY A 46 16.31 -9.80 12.52
C GLY A 46 15.30 -10.73 11.88
ZN ZN B . 2.26 1.40 1.68
N GLY A 1 -3.07 20.81 -9.91
CA GLY A 1 -2.80 19.63 -10.71
C GLY A 1 -3.34 18.36 -10.09
N SER A 2 -3.90 17.49 -10.92
CA SER A 2 -4.47 16.23 -10.44
C SER A 2 -3.40 15.14 -10.40
N SER A 3 -3.01 14.75 -9.20
CA SER A 3 -1.99 13.72 -9.02
C SER A 3 -2.63 12.35 -8.84
N GLY A 4 -2.94 11.69 -9.96
CA GLY A 4 -3.56 10.38 -9.90
C GLY A 4 -3.37 9.60 -11.18
N SER A 5 -2.89 8.37 -11.06
CA SER A 5 -2.66 7.52 -12.22
C SER A 5 -3.97 7.19 -12.94
N SER A 6 -4.14 7.76 -14.12
CA SER A 6 -5.35 7.54 -14.91
C SER A 6 -5.86 6.12 -14.73
N GLY A 7 -4.96 5.15 -14.83
CA GLY A 7 -5.35 3.76 -14.67
C GLY A 7 -6.06 3.50 -13.36
N THR A 8 -6.85 2.42 -13.33
CA THR A 8 -7.59 2.07 -12.12
C THR A 8 -7.39 0.60 -11.77
N GLY A 9 -6.17 0.12 -11.94
CA GLY A 9 -5.86 -1.26 -11.63
C GLY A 9 -4.62 -1.76 -12.35
N GLU A 10 -3.48 -1.14 -12.04
CA GLU A 10 -2.22 -1.53 -12.67
C GLU A 10 -1.67 -2.81 -12.04
N LYS A 11 -2.03 -3.05 -10.78
CA LYS A 11 -1.57 -4.23 -10.07
C LYS A 11 -2.68 -4.81 -9.20
N PRO A 12 -2.70 -6.14 -9.05
CA PRO A 12 -3.70 -6.84 -8.25
C PRO A 12 -3.53 -6.59 -6.75
N PHE A 13 -2.34 -6.15 -6.37
CA PHE A 13 -2.04 -5.86 -4.97
C PHE A 13 -1.44 -4.47 -4.81
N GLU A 14 -2.30 -3.48 -4.58
CA GLU A 14 -1.86 -2.11 -4.42
C GLU A 14 -2.07 -1.64 -2.98
N CYS A 15 -0.98 -1.22 -2.34
CA CYS A 15 -1.04 -0.74 -0.96
C CYS A 15 -1.99 0.44 -0.83
N ALA A 16 -2.97 0.32 0.06
CA ALA A 16 -3.95 1.37 0.28
C ALA A 16 -3.58 2.22 1.50
N GLU A 17 -2.29 2.48 1.67
CA GLU A 17 -1.82 3.27 2.80
C GLU A 17 -0.97 4.45 2.33
N CYS A 18 -0.05 4.18 1.40
CA CYS A 18 0.82 5.21 0.87
C CYS A 18 0.65 5.35 -0.65
N GLY A 19 0.63 4.21 -1.33
CA GLY A 19 0.47 4.22 -2.78
C GLY A 19 1.46 3.31 -3.48
N LYS A 20 1.78 2.18 -2.85
CA LYS A 20 2.72 1.23 -3.42
C LYS A 20 1.99 0.13 -4.18
N SER A 21 2.68 -0.48 -5.14
CA SER A 21 2.09 -1.55 -5.94
C SER A 21 2.99 -2.78 -5.94
N PHE A 22 2.40 -3.93 -6.22
CA PHE A 22 3.15 -5.19 -6.26
C PHE A 22 2.46 -6.20 -7.16
N SER A 23 3.16 -7.30 -7.43
CA SER A 23 2.63 -8.35 -8.29
C SER A 23 1.78 -9.34 -7.49
N ILE A 24 2.39 -9.92 -6.45
CA ILE A 24 1.70 -10.88 -5.60
C ILE A 24 1.49 -10.32 -4.21
N SER A 25 0.66 -11.01 -3.42
CA SER A 25 0.37 -10.59 -2.06
C SER A 25 1.64 -10.52 -1.22
N SER A 26 2.34 -11.66 -1.13
CA SER A 26 3.57 -11.74 -0.36
C SER A 26 4.35 -10.43 -0.45
N GLN A 27 4.50 -9.92 -1.67
CA GLN A 27 5.23 -8.68 -1.88
C GLN A 27 4.58 -7.52 -1.12
N LEU A 28 3.27 -7.38 -1.26
CA LEU A 28 2.53 -6.32 -0.58
C LEU A 28 2.65 -6.46 0.92
N ALA A 29 2.43 -7.67 1.43
CA ALA A 29 2.52 -7.94 2.85
C ALA A 29 3.86 -7.48 3.42
N THR A 30 4.94 -7.95 2.80
CA THR A 30 6.29 -7.60 3.24
C THR A 30 6.49 -6.09 3.26
N HIS A 31 5.60 -5.38 2.56
CA HIS A 31 5.68 -3.93 2.49
C HIS A 31 4.83 -3.29 3.60
N GLN A 32 3.51 -3.47 3.51
CA GLN A 32 2.60 -2.91 4.50
C GLN A 32 3.15 -3.08 5.91
N ARG A 33 4.03 -4.06 6.08
CA ARG A 33 4.65 -4.32 7.38
C ARG A 33 5.18 -3.03 8.01
N ILE A 34 5.81 -2.20 7.18
CA ILE A 34 6.36 -0.94 7.65
C ILE A 34 5.27 0.00 8.13
N HIS A 35 4.06 -0.21 7.63
CA HIS A 35 2.92 0.62 8.00
C HIS A 35 2.29 0.11 9.30
N THR A 36 2.33 -1.20 9.50
CA THR A 36 1.75 -1.80 10.70
C THR A 36 2.84 -2.13 11.72
N GLY A 37 2.47 -2.17 12.99
CA GLY A 37 3.41 -2.47 14.04
C GLY A 37 3.29 -1.55 15.24
N GLU A 38 4.06 -0.47 15.23
CA GLU A 38 4.02 0.50 16.32
C GLU A 38 3.75 1.91 15.80
N LYS A 39 2.97 2.67 16.55
CA LYS A 39 2.63 4.04 16.16
C LYS A 39 1.85 4.74 17.26
N PRO A 40 2.15 6.04 17.47
CA PRO A 40 1.48 6.84 18.49
C PRO A 40 0.04 7.15 18.13
N SER A 41 -0.87 6.27 18.56
CA SER A 41 -2.29 6.44 18.29
C SER A 41 -3.04 6.88 19.54
N GLY A 42 -3.40 8.16 19.58
CA GLY A 42 -4.12 8.68 20.73
C GLY A 42 -3.34 8.55 22.02
N PRO A 43 -4.04 8.58 23.16
CA PRO A 43 -3.43 8.46 24.49
C PRO A 43 -2.87 7.07 24.74
N SER A 44 -3.16 6.14 23.83
CA SER A 44 -2.69 4.77 23.97
C SER A 44 -1.21 4.73 24.36
N SER A 45 -0.82 3.68 25.06
CA SER A 45 0.56 3.52 25.50
C SER A 45 1.43 2.92 24.40
N GLY A 46 2.61 3.48 24.21
CA GLY A 46 3.52 2.99 23.18
C GLY A 46 3.33 3.71 21.86
ZN ZN B . 2.40 1.44 1.65
N GLY A 1 -3.57 23.94 -8.20
CA GLY A 1 -4.52 22.86 -8.35
C GLY A 1 -3.90 21.50 -8.10
N SER A 2 -4.46 20.47 -8.73
CA SER A 2 -3.96 19.12 -8.56
C SER A 2 -4.14 18.31 -9.85
N SER A 3 -3.50 17.14 -9.90
CA SER A 3 -3.58 16.28 -11.08
C SER A 3 -3.93 14.85 -10.68
N GLY A 4 -4.75 14.20 -11.49
CA GLY A 4 -5.14 12.83 -11.21
C GLY A 4 -4.03 11.85 -11.44
N SER A 5 -4.31 10.78 -12.19
CA SER A 5 -3.32 9.77 -12.48
C SER A 5 -3.80 8.83 -13.59
N SER A 6 -2.86 8.20 -14.28
CA SER A 6 -3.19 7.29 -15.37
C SER A 6 -3.38 5.88 -14.85
N GLY A 7 -4.56 5.31 -15.12
CA GLY A 7 -4.85 3.96 -14.67
C GLY A 7 -4.84 2.96 -15.81
N THR A 8 -3.64 2.61 -16.27
CA THR A 8 -3.50 1.66 -17.37
C THR A 8 -3.23 0.25 -16.84
N GLY A 9 -4.30 -0.49 -16.58
CA GLY A 9 -4.16 -1.85 -16.07
C GLY A 9 -3.34 -1.90 -14.80
N GLU A 10 -3.96 -1.55 -13.68
CA GLU A 10 -3.28 -1.57 -12.40
C GLU A 10 -3.05 -3.00 -11.92
N LYS A 11 -2.20 -3.15 -10.90
CA LYS A 11 -1.88 -4.46 -10.35
C LYS A 11 -2.96 -4.91 -9.36
N PRO A 12 -3.11 -6.23 -9.21
CA PRO A 12 -4.10 -6.82 -8.30
C PRO A 12 -3.74 -6.58 -6.84
N PHE A 13 -2.59 -5.97 -6.60
CA PHE A 13 -2.14 -5.69 -5.24
C PHE A 13 -1.55 -4.28 -5.15
N GLU A 14 -2.28 -3.39 -4.47
CA GLU A 14 -1.84 -2.02 -4.32
C GLU A 14 -2.03 -1.55 -2.87
N CYS A 15 -0.93 -1.23 -2.21
CA CYS A 15 -0.97 -0.77 -0.82
C CYS A 15 -1.96 0.37 -0.65
N ALA A 16 -2.87 0.23 0.31
CA ALA A 16 -3.86 1.27 0.57
C ALA A 16 -3.44 2.16 1.73
N GLU A 17 -2.14 2.40 1.85
CA GLU A 17 -1.60 3.24 2.91
C GLU A 17 -0.79 4.39 2.34
N CYS A 18 0.16 4.07 1.46
CA CYS A 18 1.01 5.07 0.84
C CYS A 18 0.69 5.21 -0.64
N GLY A 19 0.65 4.08 -1.35
CA GLY A 19 0.35 4.12 -2.77
C GLY A 19 1.36 3.34 -3.59
N LYS A 20 1.67 2.12 -3.16
CA LYS A 20 2.63 1.27 -3.86
C LYS A 20 1.93 0.06 -4.47
N SER A 21 2.37 -0.31 -5.67
CA SER A 21 1.79 -1.45 -6.37
C SER A 21 2.76 -2.64 -6.38
N PHE A 22 2.21 -3.84 -6.30
CA PHE A 22 3.02 -5.05 -6.30
C PHE A 22 2.43 -6.11 -7.23
N SER A 23 3.21 -7.15 -7.50
CA SER A 23 2.76 -8.23 -8.38
C SER A 23 2.10 -9.35 -7.59
N ILE A 24 2.80 -9.85 -6.58
CA ILE A 24 2.29 -10.91 -5.73
C ILE A 24 1.81 -10.37 -4.39
N SER A 25 1.03 -11.18 -3.68
CA SER A 25 0.50 -10.78 -2.38
C SER A 25 1.61 -10.68 -1.35
N SER A 26 2.35 -11.76 -1.18
CA SER A 26 3.46 -11.80 -0.22
C SER A 26 4.20 -10.47 -0.20
N GLN A 27 4.73 -10.08 -1.36
CA GLN A 27 5.46 -8.82 -1.47
C GLN A 27 4.73 -7.70 -0.76
N LEU A 28 3.51 -7.42 -1.19
CA LEU A 28 2.70 -6.37 -0.60
C LEU A 28 2.67 -6.49 0.92
N ALA A 29 2.31 -7.68 1.40
CA ALA A 29 2.25 -7.93 2.84
C ALA A 29 3.57 -7.54 3.52
N THR A 30 4.67 -8.00 2.96
CA THR A 30 5.99 -7.70 3.51
C THR A 30 6.27 -6.20 3.49
N HIS A 31 5.49 -5.47 2.70
CA HIS A 31 5.64 -4.02 2.60
C HIS A 31 4.74 -3.30 3.59
N GLN A 32 3.48 -3.70 3.63
CA GLN A 32 2.52 -3.09 4.54
C GLN A 32 3.04 -3.08 5.97
N ARG A 33 3.95 -4.01 6.26
CA ARG A 33 4.52 -4.12 7.60
C ARG A 33 5.14 -2.79 8.03
N ILE A 34 5.74 -2.08 7.08
CA ILE A 34 6.37 -0.79 7.36
C ILE A 34 5.39 0.14 8.08
N HIS A 35 4.11 0.05 7.72
CA HIS A 35 3.09 0.89 8.33
C HIS A 35 2.70 0.35 9.71
N THR A 36 2.75 -0.96 9.87
CA THR A 36 2.41 -1.59 11.14
C THR A 36 3.66 -1.88 11.96
N GLY A 37 4.58 -0.93 11.99
CA GLY A 37 5.81 -1.10 12.75
C GLY A 37 5.90 -0.16 13.92
N GLU A 38 7.13 0.17 14.33
CA GLU A 38 7.36 1.07 15.45
C GLU A 38 7.93 2.40 14.97
N LYS A 39 7.05 3.27 14.49
CA LYS A 39 7.46 4.59 14.00
C LYS A 39 6.34 5.60 14.17
N PRO A 40 6.71 6.88 14.37
CA PRO A 40 5.76 7.97 14.54
C PRO A 40 5.01 8.30 13.25
N SER A 41 3.84 7.67 13.08
CA SER A 41 3.04 7.89 11.89
C SER A 41 1.62 8.32 12.27
N GLY A 42 1.08 9.29 11.51
CA GLY A 42 -0.25 9.77 11.79
C GLY A 42 -0.56 9.82 13.26
N PRO A 43 0.05 10.79 13.98
CA PRO A 43 -0.15 10.96 15.41
C PRO A 43 -1.54 11.47 15.75
N SER A 44 -1.99 12.48 15.00
CA SER A 44 -3.31 13.06 15.23
C SER A 44 -4.41 12.05 14.91
N SER A 45 -5.59 12.27 15.49
CA SER A 45 -6.72 11.38 15.27
C SER A 45 -7.76 12.03 14.37
N GLY A 46 -7.28 12.71 13.32
CA GLY A 46 -8.18 13.37 12.40
C GLY A 46 -7.47 13.90 11.17
ZN ZN B . 2.52 1.31 1.91
N GLY A 1 1.39 18.23 -27.05
CA GLY A 1 0.33 17.24 -27.13
C GLY A 1 0.59 16.18 -28.19
N SER A 2 0.32 14.92 -27.84
CA SER A 2 0.53 13.82 -28.76
C SER A 2 -0.27 12.59 -28.34
N SER A 3 -0.71 11.82 -29.33
CA SER A 3 -1.51 10.62 -29.05
C SER A 3 -0.69 9.59 -28.28
N GLY A 4 -1.18 9.23 -27.09
CA GLY A 4 -0.47 8.27 -26.26
C GLY A 4 -1.20 7.98 -24.97
N SER A 5 -0.79 8.63 -23.89
CA SER A 5 -1.41 8.43 -22.59
C SER A 5 -1.79 6.97 -22.38
N SER A 6 -0.89 6.07 -22.79
CA SER A 6 -1.12 4.63 -22.65
C SER A 6 0.12 3.93 -22.10
N GLY A 7 -0.08 3.14 -21.05
CA GLY A 7 1.03 2.42 -20.45
C GLY A 7 1.32 2.88 -19.04
N THR A 8 0.53 2.41 -18.08
CA THR A 8 0.70 2.78 -16.69
C THR A 8 0.99 1.55 -15.82
N GLY A 9 0.17 0.51 -15.99
CA GLY A 9 0.36 -0.70 -15.23
C GLY A 9 -0.67 -0.86 -14.13
N GLU A 10 -1.24 -2.06 -14.01
CA GLU A 10 -2.24 -2.33 -12.99
C GLU A 10 -1.98 -3.67 -12.31
N LYS A 11 -2.01 -3.67 -10.98
CA LYS A 11 -1.78 -4.89 -10.21
C LYS A 11 -2.93 -5.14 -9.25
N PRO A 12 -3.26 -6.43 -9.04
CA PRO A 12 -4.35 -6.84 -8.15
C PRO A 12 -4.01 -6.60 -6.68
N PHE A 13 -2.72 -6.41 -6.40
CA PHE A 13 -2.26 -6.17 -5.03
C PHE A 13 -1.60 -4.79 -4.92
N GLU A 14 -2.38 -3.82 -4.45
CA GLU A 14 -1.88 -2.46 -4.29
C GLU A 14 -2.03 -1.99 -2.85
N CYS A 15 -1.12 -1.12 -2.41
CA CYS A 15 -1.16 -0.59 -1.05
C CYS A 15 -2.05 0.64 -0.97
N ALA A 16 -3.03 0.59 -0.07
CA ALA A 16 -3.96 1.69 0.11
C ALA A 16 -3.55 2.57 1.29
N GLU A 17 -2.24 2.72 1.48
CA GLU A 17 -1.71 3.52 2.58
C GLU A 17 -0.75 4.59 2.07
N CYS A 18 0.33 4.14 1.43
CA CYS A 18 1.33 5.06 0.89
C CYS A 18 1.02 5.41 -0.56
N GLY A 19 0.73 4.38 -1.36
CA GLY A 19 0.42 4.60 -2.76
C GLY A 19 1.32 3.80 -3.68
N LYS A 20 1.61 2.57 -3.30
CA LYS A 20 2.47 1.70 -4.10
C LYS A 20 1.71 0.47 -4.58
N SER A 21 2.34 -0.30 -5.45
CA SER A 21 1.72 -1.51 -5.99
C SER A 21 2.69 -2.69 -5.95
N PHE A 22 2.16 -3.89 -6.10
CA PHE A 22 2.98 -5.10 -6.08
C PHE A 22 2.44 -6.15 -7.05
N SER A 23 3.31 -7.07 -7.47
CA SER A 23 2.91 -8.12 -8.40
C SER A 23 2.25 -9.28 -7.66
N ILE A 24 2.87 -9.71 -6.56
CA ILE A 24 2.35 -10.81 -5.77
C ILE A 24 1.79 -10.31 -4.44
N SER A 25 1.07 -11.19 -3.74
CA SER A 25 0.48 -10.83 -2.45
C SER A 25 1.54 -10.82 -1.35
N SER A 26 2.64 -11.53 -1.59
CA SER A 26 3.72 -11.61 -0.62
C SER A 26 4.48 -10.29 -0.52
N GLN A 27 4.81 -9.73 -1.69
CA GLN A 27 5.53 -8.46 -1.73
C GLN A 27 4.79 -7.38 -0.95
N LEU A 28 3.47 -7.35 -1.08
CA LEU A 28 2.65 -6.37 -0.37
C LEU A 28 2.60 -6.69 1.12
N ALA A 29 2.34 -7.94 1.45
CA ALA A 29 2.26 -8.37 2.84
C ALA A 29 3.52 -8.00 3.60
N THR A 30 4.68 -8.28 3.01
CA THR A 30 5.96 -7.98 3.64
C THR A 30 6.21 -6.47 3.64
N HIS A 31 5.39 -5.73 2.90
CA HIS A 31 5.54 -4.28 2.83
C HIS A 31 4.70 -3.60 3.90
N GLN A 32 3.40 -3.83 3.88
CA GLN A 32 2.50 -3.23 4.85
C GLN A 32 3.14 -3.17 6.23
N ARG A 33 4.04 -4.11 6.49
CA ARG A 33 4.73 -4.17 7.78
C ARG A 33 5.27 -2.80 8.17
N ILE A 34 5.97 -2.16 7.26
CA ILE A 34 6.54 -0.83 7.51
C ILE A 34 5.47 0.13 8.01
N HIS A 35 4.21 -0.15 7.66
CA HIS A 35 3.09 0.69 8.07
C HIS A 35 2.57 0.25 9.44
N THR A 36 2.67 -1.04 9.72
CA THR A 36 2.19 -1.58 11.00
C THR A 36 3.31 -1.57 12.04
N GLY A 37 4.14 -0.53 12.01
CA GLY A 37 5.23 -0.43 12.96
C GLY A 37 4.83 0.30 14.22
N GLU A 38 4.22 1.47 14.05
CA GLU A 38 3.79 2.27 15.20
C GLU A 38 2.58 1.64 15.89
N LYS A 39 2.62 1.60 17.22
CA LYS A 39 1.53 1.02 18.00
C LYS A 39 0.66 2.12 18.62
N PRO A 40 -0.66 1.91 18.58
CA PRO A 40 -1.62 2.87 19.14
C PRO A 40 -1.58 2.91 20.66
N SER A 41 -1.09 4.03 21.20
CA SER A 41 -0.99 4.20 22.64
C SER A 41 -1.95 5.29 23.14
N GLY A 42 -3.06 4.86 23.71
CA GLY A 42 -4.04 5.81 24.21
C GLY A 42 -4.92 5.22 25.30
N PRO A 43 -4.34 5.04 26.50
CA PRO A 43 -5.06 4.48 27.65
C PRO A 43 -6.12 5.43 28.19
N SER A 44 -7.01 4.90 29.02
CA SER A 44 -8.08 5.70 29.61
C SER A 44 -8.60 5.06 30.88
N SER A 45 -8.74 5.87 31.93
CA SER A 45 -9.22 5.38 33.22
C SER A 45 -10.62 4.79 33.09
N GLY A 46 -10.96 3.88 33.99
CA GLY A 46 -12.27 3.26 33.95
C GLY A 46 -13.17 3.73 35.08
ZN ZN B . 2.34 1.06 1.83
N GLY A 1 -0.58 15.65 -2.61
CA GLY A 1 -1.02 14.41 -3.22
C GLY A 1 -0.82 14.40 -4.73
N SER A 2 -0.47 13.23 -5.26
CA SER A 2 -0.23 13.09 -6.69
C SER A 2 -0.50 11.66 -7.16
N SER A 3 -1.36 11.53 -8.17
CA SER A 3 -1.70 10.22 -8.71
C SER A 3 -1.17 10.05 -10.13
N GLY A 4 -0.71 8.85 -10.44
CA GLY A 4 -0.18 8.57 -11.77
C GLY A 4 0.72 7.36 -11.78
N SER A 5 0.87 6.75 -12.95
CA SER A 5 1.70 5.57 -13.11
C SER A 5 2.18 5.41 -14.55
N SER A 6 3.18 4.58 -14.76
CA SER A 6 3.73 4.34 -16.09
C SER A 6 3.80 2.85 -16.40
N GLY A 7 4.39 2.09 -15.48
CA GLY A 7 4.50 0.65 -15.67
C GLY A 7 3.24 0.04 -16.25
N THR A 8 3.35 -0.48 -17.47
CA THR A 8 2.21 -1.09 -18.13
C THR A 8 2.07 -2.56 -17.75
N GLY A 9 2.32 -2.86 -16.47
CA GLY A 9 2.21 -4.22 -15.99
C GLY A 9 0.95 -4.46 -15.19
N GLU A 10 0.73 -5.70 -14.78
CA GLU A 10 -0.44 -6.06 -14.00
C GLU A 10 -0.17 -5.93 -12.51
N LYS A 11 -0.99 -5.14 -11.83
CA LYS A 11 -0.83 -4.92 -10.40
C LYS A 11 -2.12 -5.28 -9.65
N PRO A 12 -2.28 -6.57 -9.34
CA PRO A 12 -3.47 -7.07 -8.63
C PRO A 12 -3.50 -6.61 -7.17
N PHE A 13 -2.32 -6.33 -6.62
CA PHE A 13 -2.22 -5.88 -5.24
C PHE A 13 -1.58 -4.50 -5.16
N GLU A 14 -2.29 -3.56 -4.53
CA GLU A 14 -1.80 -2.20 -4.39
C GLU A 14 -2.13 -1.64 -3.01
N CYS A 15 -1.10 -1.21 -2.29
CA CYS A 15 -1.28 -0.65 -0.95
C CYS A 15 -2.06 0.66 -1.01
N ALA A 16 -2.66 1.03 0.12
CA ALA A 16 -3.42 2.27 0.20
C ALA A 16 -2.81 3.24 1.20
N GLU A 17 -2.27 2.70 2.28
CA GLU A 17 -1.65 3.51 3.32
C GLU A 17 -0.68 4.53 2.71
N CYS A 18 0.06 4.10 1.70
CA CYS A 18 1.02 4.96 1.03
C CYS A 18 0.66 5.14 -0.45
N GLY A 19 0.38 4.02 -1.11
CA GLY A 19 0.02 4.07 -2.52
C GLY A 19 1.04 3.37 -3.40
N LYS A 20 1.31 2.10 -3.10
CA LYS A 20 2.28 1.32 -3.86
C LYS A 20 1.61 0.12 -4.51
N SER A 21 2.19 -0.37 -5.60
CA SER A 21 1.63 -1.52 -6.31
C SER A 21 2.58 -2.71 -6.22
N PHE A 22 2.04 -3.91 -6.39
CA PHE A 22 2.84 -5.13 -6.33
C PHE A 22 2.27 -6.19 -7.27
N SER A 23 3.11 -7.16 -7.62
CA SER A 23 2.69 -8.24 -8.52
C SER A 23 1.97 -9.34 -7.76
N ILE A 24 2.57 -9.77 -6.64
CA ILE A 24 1.98 -10.81 -5.81
C ILE A 24 1.56 -10.28 -4.45
N SER A 25 0.97 -11.14 -3.64
CA SER A 25 0.52 -10.74 -2.31
C SER A 25 1.69 -10.70 -1.33
N SER A 26 2.36 -11.84 -1.16
CA SER A 26 3.49 -11.94 -0.26
C SER A 26 4.30 -10.65 -0.26
N GLN A 27 4.65 -10.17 -1.45
CA GLN A 27 5.42 -8.95 -1.60
C GLN A 27 4.78 -7.80 -0.83
N LEU A 28 3.53 -7.51 -1.17
CA LEU A 28 2.79 -6.44 -0.51
C LEU A 28 2.80 -6.61 1.00
N ALA A 29 2.49 -7.82 1.46
CA ALA A 29 2.46 -8.12 2.88
C ALA A 29 3.77 -7.70 3.55
N THR A 30 4.90 -8.12 2.98
CA THR A 30 6.20 -7.79 3.53
C THR A 30 6.41 -6.29 3.56
N HIS A 31 5.60 -5.56 2.81
CA HIS A 31 5.69 -4.10 2.76
C HIS A 31 4.77 -3.46 3.80
N GLN A 32 3.49 -3.78 3.71
CA GLN A 32 2.50 -3.22 4.64
C GLN A 32 3.08 -3.14 6.05
N ARG A 33 4.05 -4.00 6.34
CA ARG A 33 4.68 -4.01 7.65
C ARG A 33 5.18 -2.63 8.04
N ILE A 34 5.85 -1.96 7.11
CA ILE A 34 6.38 -0.62 7.34
C ILE A 34 5.31 0.28 7.96
N HIS A 35 4.05 -0.03 7.67
CA HIS A 35 2.93 0.76 8.18
C HIS A 35 2.57 0.32 9.59
N THR A 36 3.49 -0.38 10.25
CA THR A 36 3.26 -0.87 11.61
C THR A 36 2.98 0.28 12.56
N GLY A 37 3.94 1.20 12.67
CA GLY A 37 3.77 2.35 13.55
C GLY A 37 3.50 1.94 14.98
N GLU A 38 4.49 2.15 15.85
CA GLU A 38 4.35 1.80 17.26
C GLU A 38 3.65 2.91 18.03
N LYS A 39 2.65 3.52 17.40
CA LYS A 39 1.89 4.59 18.03
C LYS A 39 0.60 4.86 17.27
N PRO A 40 -0.50 5.05 18.02
CA PRO A 40 -1.82 5.32 17.44
C PRO A 40 -1.90 6.70 16.79
N SER A 41 -1.60 6.77 15.50
CA SER A 41 -1.63 8.03 14.77
C SER A 41 -2.72 8.01 13.71
N GLY A 42 -2.94 9.16 13.07
CA GLY A 42 -3.96 9.25 12.03
C GLY A 42 -3.50 8.66 10.71
N PRO A 43 -4.43 8.56 9.75
CA PRO A 43 -4.13 8.01 8.42
C PRO A 43 -3.23 8.92 7.61
N SER A 44 -3.05 8.58 6.33
CA SER A 44 -2.20 9.37 5.44
C SER A 44 -2.91 9.63 4.12
N SER A 45 -2.51 10.70 3.44
CA SER A 45 -3.11 11.07 2.16
C SER A 45 -2.26 10.56 1.00
N GLY A 46 -2.92 10.36 -0.14
CA GLY A 46 -2.21 9.89 -1.32
C GLY A 46 -2.80 8.59 -1.85
ZN ZN B . 2.14 1.00 1.98
N GLY A 1 -0.88 10.93 -34.82
CA GLY A 1 -1.29 9.78 -34.05
C GLY A 1 -1.32 10.07 -32.56
N SER A 2 -2.52 10.27 -32.02
CA SER A 2 -2.69 10.57 -30.60
C SER A 2 -3.01 9.30 -29.81
N SER A 3 -1.97 8.62 -29.35
CA SER A 3 -2.13 7.38 -28.59
C SER A 3 -1.35 7.43 -27.29
N GLY A 4 -0.03 7.59 -27.39
CA GLY A 4 0.81 7.66 -26.22
C GLY A 4 0.57 6.50 -25.27
N SER A 5 1.42 5.48 -25.38
CA SER A 5 1.30 4.29 -24.53
C SER A 5 2.05 4.49 -23.22
N SER A 6 1.39 4.17 -22.10
CA SER A 6 1.99 4.32 -20.79
C SER A 6 1.40 3.32 -19.80
N GLY A 7 1.90 3.33 -18.58
CA GLY A 7 1.41 2.42 -17.56
C GLY A 7 2.33 2.33 -16.35
N THR A 8 1.75 2.07 -15.19
CA THR A 8 2.52 1.97 -13.96
C THR A 8 2.79 0.52 -13.59
N GLY A 9 1.86 -0.36 -13.98
CA GLY A 9 2.01 -1.77 -13.68
C GLY A 9 0.72 -2.54 -13.87
N GLU A 10 -0.39 -1.96 -13.42
CA GLU A 10 -1.70 -2.60 -13.55
C GLU A 10 -1.74 -3.89 -12.74
N LYS A 11 -1.32 -3.81 -11.48
CA LYS A 11 -1.30 -4.97 -10.60
C LYS A 11 -2.52 -4.95 -9.67
N PRO A 12 -3.06 -6.15 -9.38
CA PRO A 12 -4.22 -6.29 -8.50
C PRO A 12 -3.89 -5.99 -7.05
N PHE A 13 -2.64 -6.22 -6.66
CA PHE A 13 -2.20 -5.96 -5.30
C PHE A 13 -1.71 -4.53 -5.14
N GLU A 14 -2.60 -3.66 -4.69
CA GLU A 14 -2.26 -2.25 -4.50
C GLU A 14 -2.33 -1.87 -3.02
N CYS A 15 -1.33 -1.11 -2.56
CA CYS A 15 -1.27 -0.68 -1.17
C CYS A 15 -2.30 0.42 -0.90
N ALA A 16 -2.67 0.57 0.36
CA ALA A 16 -3.64 1.59 0.76
C ALA A 16 -3.01 2.61 1.69
N GLU A 17 -1.86 2.27 2.26
CA GLU A 17 -1.16 3.16 3.17
C GLU A 17 -0.37 4.22 2.40
N CYS A 18 0.29 3.78 1.33
CA CYS A 18 1.08 4.69 0.51
C CYS A 18 0.52 4.78 -0.91
N GLY A 19 0.16 3.62 -1.47
CA GLY A 19 -0.38 3.59 -2.81
C GLY A 19 0.50 2.82 -3.78
N LYS A 20 1.55 2.21 -3.25
CA LYS A 20 2.48 1.44 -4.07
C LYS A 20 1.91 0.06 -4.39
N SER A 21 2.05 -0.36 -5.65
CA SER A 21 1.54 -1.65 -6.08
C SER A 21 2.63 -2.72 -5.97
N PHE A 22 2.23 -3.98 -6.18
CA PHE A 22 3.17 -5.10 -6.10
C PHE A 22 2.76 -6.21 -7.04
N SER A 23 3.74 -6.95 -7.54
CA SER A 23 3.48 -8.06 -8.46
C SER A 23 2.67 -9.15 -7.77
N ILE A 24 3.09 -9.54 -6.58
CA ILE A 24 2.41 -10.58 -5.81
C ILE A 24 1.90 -10.03 -4.49
N SER A 25 1.26 -10.89 -3.70
CA SER A 25 0.73 -10.49 -2.41
C SER A 25 1.82 -10.45 -1.35
N SER A 26 2.52 -11.57 -1.18
CA SER A 26 3.60 -11.64 -0.20
C SER A 26 4.38 -10.34 -0.14
N GLN A 27 4.73 -9.81 -1.31
CA GLN A 27 5.48 -8.56 -1.39
C GLN A 27 4.70 -7.41 -0.74
N LEU A 28 3.40 -7.35 -1.05
CA LEU A 28 2.55 -6.31 -0.50
C LEU A 28 2.41 -6.45 1.02
N ALA A 29 2.06 -7.65 1.46
CA ALA A 29 1.88 -7.93 2.88
C ALA A 29 3.16 -7.61 3.65
N THR A 30 4.28 -8.16 3.20
CA THR A 30 5.56 -7.94 3.85
C THR A 30 5.98 -6.47 3.76
N HIS A 31 5.25 -5.71 2.94
CA HIS A 31 5.55 -4.29 2.76
C HIS A 31 4.74 -3.44 3.73
N GLN A 32 3.43 -3.60 3.71
CA GLN A 32 2.54 -2.85 4.58
C GLN A 32 3.00 -2.96 6.04
N ARG A 33 3.82 -3.96 6.32
CA ARG A 33 4.32 -4.17 7.67
C ARG A 33 5.15 -2.99 8.14
N ILE A 34 5.93 -2.41 7.21
CA ILE A 34 6.77 -1.27 7.53
C ILE A 34 5.92 -0.08 7.98
N HIS A 35 4.68 -0.03 7.50
CA HIS A 35 3.77 1.06 7.85
C HIS A 35 3.36 0.98 9.31
N THR A 36 3.42 -0.23 9.88
CA THR A 36 3.05 -0.45 11.27
C THR A 36 4.29 -0.52 12.17
N GLY A 37 5.16 0.48 12.02
CA GLY A 37 6.37 0.52 12.82
C GLY A 37 7.36 1.56 12.34
N GLU A 38 6.89 2.79 12.19
CA GLU A 38 7.73 3.89 11.73
C GLU A 38 7.72 5.04 12.73
N LYS A 39 6.78 4.99 13.67
CA LYS A 39 6.66 6.03 14.68
C LYS A 39 7.22 5.56 16.02
N PRO A 40 7.85 6.49 16.75
CA PRO A 40 8.45 6.19 18.05
C PRO A 40 7.39 5.91 19.13
N SER A 41 6.28 6.62 19.04
CA SER A 41 5.19 6.45 20.00
C SER A 41 5.62 6.91 21.39
N GLY A 42 6.39 7.98 21.43
CA GLY A 42 6.86 8.51 22.70
C GLY A 42 6.48 9.96 22.90
N PRO A 43 6.22 10.34 24.16
CA PRO A 43 5.83 11.72 24.51
C PRO A 43 6.99 12.69 24.36
N SER A 44 6.76 13.95 24.73
CA SER A 44 7.78 14.98 24.63
C SER A 44 8.52 15.13 25.95
N SER A 45 9.53 14.28 26.15
CA SER A 45 10.33 14.32 27.38
C SER A 45 11.63 13.55 27.19
N GLY A 46 12.58 13.80 28.08
CA GLY A 46 13.87 13.13 28.00
C GLY A 46 13.76 11.64 28.25
ZN ZN B . 2.53 0.90 1.49
N GLY A 1 -14.70 16.89 -23.04
CA GLY A 1 -13.65 17.85 -22.79
C GLY A 1 -12.27 17.27 -23.00
N SER A 2 -11.54 17.07 -21.90
CA SER A 2 -10.20 16.51 -21.97
C SER A 2 -10.08 15.24 -21.12
N SER A 3 -10.02 14.10 -21.78
CA SER A 3 -9.91 12.82 -21.09
C SER A 3 -9.50 11.71 -22.05
N GLY A 4 -8.67 10.80 -21.58
CA GLY A 4 -8.21 9.70 -22.41
C GLY A 4 -7.89 8.45 -21.60
N SER A 5 -6.60 8.09 -21.57
CA SER A 5 -6.17 6.91 -20.83
C SER A 5 -5.21 7.30 -19.70
N SER A 6 -5.41 6.71 -18.53
CA SER A 6 -4.56 7.00 -17.38
C SER A 6 -4.34 5.74 -16.55
N GLY A 7 -3.13 5.19 -16.63
CA GLY A 7 -2.80 3.98 -15.88
C GLY A 7 -1.31 3.84 -15.65
N THR A 8 -0.92 3.64 -14.40
CA THR A 8 0.48 3.48 -14.05
C THR A 8 0.70 2.20 -13.23
N GLY A 9 -0.32 1.80 -12.49
CA GLY A 9 -0.22 0.59 -11.68
C GLY A 9 -1.48 -0.24 -11.71
N GLU A 10 -1.49 -1.29 -12.53
CA GLU A 10 -2.64 -2.16 -12.64
C GLU A 10 -2.32 -3.57 -12.15
N LYS A 11 -2.31 -3.73 -10.83
CA LYS A 11 -2.01 -5.02 -10.23
C LYS A 11 -3.13 -5.45 -9.28
N PRO A 12 -3.25 -6.77 -9.05
CA PRO A 12 -4.27 -7.33 -8.15
C PRO A 12 -3.99 -7.01 -6.69
N PHE A 13 -2.81 -6.46 -6.42
CA PHE A 13 -2.43 -6.10 -5.06
C PHE A 13 -1.81 -4.71 -5.01
N GLU A 14 -2.54 -3.77 -4.42
CA GLU A 14 -2.06 -2.38 -4.31
C GLU A 14 -2.21 -1.88 -2.88
N CYS A 15 -1.23 -1.09 -2.44
CA CYS A 15 -1.26 -0.54 -1.09
C CYS A 15 -2.11 0.73 -1.04
N ALA A 16 -3.10 0.73 -0.15
CA ALA A 16 -3.99 1.88 0.00
C ALA A 16 -3.59 2.72 1.21
N GLU A 17 -2.30 2.88 1.41
CA GLU A 17 -1.79 3.67 2.54
C GLU A 17 -0.82 4.74 2.05
N CYS A 18 0.21 4.32 1.33
CA CYS A 18 1.21 5.24 0.80
C CYS A 18 1.06 5.42 -0.71
N GLY A 19 0.92 4.31 -1.42
CA GLY A 19 0.76 4.37 -2.86
C GLY A 19 1.79 3.53 -3.59
N LYS A 20 1.84 2.25 -3.27
CA LYS A 20 2.79 1.32 -3.89
C LYS A 20 2.10 0.02 -4.29
N SER A 21 2.15 -0.31 -5.58
CA SER A 21 1.53 -1.53 -6.08
C SER A 21 2.52 -2.68 -6.06
N PHE A 22 1.99 -3.91 -6.16
CA PHE A 22 2.84 -5.10 -6.14
C PHE A 22 2.25 -6.18 -7.05
N SER A 23 3.12 -6.96 -7.67
CA SER A 23 2.70 -8.03 -8.57
C SER A 23 2.08 -9.19 -7.78
N ILE A 24 2.73 -9.58 -6.70
CA ILE A 24 2.25 -10.66 -5.85
C ILE A 24 1.87 -10.16 -4.47
N SER A 25 0.93 -10.85 -3.83
CA SER A 25 0.47 -10.46 -2.50
C SER A 25 1.64 -10.42 -1.52
N SER A 26 2.30 -11.55 -1.35
CA SER A 26 3.44 -11.65 -0.44
C SER A 26 4.25 -10.36 -0.45
N GLN A 27 4.64 -9.92 -1.65
CA GLN A 27 5.42 -8.70 -1.79
C GLN A 27 4.80 -7.56 -0.99
N LEU A 28 3.49 -7.40 -1.12
CA LEU A 28 2.77 -6.34 -0.39
C LEU A 28 2.89 -6.54 1.11
N ALA A 29 2.64 -7.76 1.57
CA ALA A 29 2.73 -8.07 2.99
C ALA A 29 4.06 -7.62 3.58
N THR A 30 5.16 -8.05 2.97
CA THR A 30 6.49 -7.69 3.43
C THR A 30 6.62 -6.18 3.60
N HIS A 31 5.76 -5.44 2.91
CA HIS A 31 5.78 -3.98 2.98
C HIS A 31 4.84 -3.48 4.09
N GLN A 32 3.57 -3.86 3.99
CA GLN A 32 2.58 -3.45 4.98
C GLN A 32 3.16 -3.49 6.38
N ARG A 33 4.18 -4.33 6.58
CA ARG A 33 4.83 -4.46 7.87
C ARG A 33 5.24 -3.10 8.42
N ILE A 34 5.85 -2.29 7.57
CA ILE A 34 6.29 -0.96 7.97
C ILE A 34 5.11 -0.04 8.24
N HIS A 35 3.95 -0.38 7.68
CA HIS A 35 2.74 0.41 7.87
C HIS A 35 2.13 0.14 9.24
N THR A 36 2.18 -1.12 9.67
CA THR A 36 1.63 -1.50 10.96
C THR A 36 1.78 -0.39 11.99
N GLY A 37 0.68 -0.03 12.64
CA GLY A 37 0.72 1.03 13.64
C GLY A 37 -0.65 1.40 14.14
N GLU A 38 -1.15 0.64 15.11
CA GLU A 38 -2.47 0.89 15.69
C GLU A 38 -2.74 2.39 15.77
N LYS A 39 -3.96 2.79 15.41
CA LYS A 39 -4.35 4.19 15.44
C LYS A 39 -5.83 4.33 15.76
N PRO A 40 -6.17 5.29 16.63
CA PRO A 40 -7.55 5.56 17.03
C PRO A 40 -8.38 6.16 15.90
N SER A 41 -9.14 5.32 15.21
CA SER A 41 -9.97 5.77 14.10
C SER A 41 -10.89 6.90 14.54
N GLY A 42 -11.45 6.76 15.74
CA GLY A 42 -12.35 7.78 16.26
C GLY A 42 -13.55 7.19 16.96
N PRO A 43 -14.63 7.99 17.08
CA PRO A 43 -15.87 7.56 17.74
C PRO A 43 -16.61 6.50 16.93
N SER A 44 -17.82 6.17 17.37
CA SER A 44 -18.64 5.18 16.69
C SER A 44 -17.87 3.86 16.54
N SER A 45 -17.22 3.43 17.62
CA SER A 45 -16.44 2.20 17.61
C SER A 45 -17.16 1.10 18.39
N GLY A 46 -17.92 0.28 17.67
CA GLY A 46 -18.65 -0.80 18.31
C GLY A 46 -17.80 -1.57 19.31
ZN ZN B . 2.36 1.26 1.60
N GLY A 1 -11.58 21.55 -13.53
CA GLY A 1 -11.92 20.95 -14.81
C GLY A 1 -10.69 20.66 -15.65
N SER A 2 -10.85 19.82 -16.66
CA SER A 2 -9.76 19.46 -17.55
C SER A 2 -8.45 19.31 -16.76
N SER A 3 -8.54 18.68 -15.59
CA SER A 3 -7.37 18.48 -14.75
C SER A 3 -6.48 17.37 -15.30
N GLY A 4 -7.09 16.26 -15.68
CA GLY A 4 -6.34 15.15 -16.22
C GLY A 4 -5.30 14.61 -15.25
N SER A 5 -4.74 13.45 -15.57
CA SER A 5 -3.75 12.83 -14.70
C SER A 5 -3.07 11.66 -15.41
N SER A 6 -1.98 11.16 -14.83
CA SER A 6 -1.24 10.05 -15.40
C SER A 6 -1.39 8.80 -14.54
N GLY A 7 -2.08 7.79 -15.08
CA GLY A 7 -2.28 6.56 -14.35
C GLY A 7 -1.59 5.38 -15.01
N THR A 8 -0.69 4.73 -14.27
CA THR A 8 0.05 3.58 -14.79
C THR A 8 0.08 2.45 -13.77
N GLY A 9 -1.05 2.19 -13.14
CA GLY A 9 -1.13 1.13 -12.15
C GLY A 9 -2.25 0.16 -12.42
N GLU A 10 -1.90 -1.03 -12.92
CA GLU A 10 -2.89 -2.04 -13.23
C GLU A 10 -2.50 -3.39 -12.62
N LYS A 11 -2.10 -3.36 -11.35
CA LYS A 11 -1.70 -4.57 -10.65
C LYS A 11 -2.80 -5.07 -9.72
N PRO A 12 -2.81 -6.37 -9.45
CA PRO A 12 -3.81 -6.99 -8.57
C PRO A 12 -3.65 -6.58 -7.11
N PHE A 13 -2.46 -6.11 -6.76
CA PHE A 13 -2.18 -5.69 -5.41
C PHE A 13 -1.73 -4.23 -5.37
N GLU A 14 -2.45 -3.43 -4.59
CA GLU A 14 -2.13 -2.00 -4.47
C GLU A 14 -2.31 -1.52 -3.04
N CYS A 15 -1.23 -1.03 -2.44
CA CYS A 15 -1.28 -0.53 -1.07
C CYS A 15 -2.10 0.75 -0.97
N ALA A 16 -2.77 0.93 0.16
CA ALA A 16 -3.59 2.11 0.38
C ALA A 16 -2.92 3.08 1.34
N GLU A 17 -2.08 2.55 2.22
CA GLU A 17 -1.37 3.37 3.19
C GLU A 17 -0.61 4.50 2.49
N CYS A 18 0.28 4.13 1.57
CA CYS A 18 1.07 5.09 0.84
C CYS A 18 0.58 5.23 -0.60
N GLY A 19 0.35 4.10 -1.25
CA GLY A 19 -0.12 4.11 -2.62
C GLY A 19 0.81 3.36 -3.55
N LYS A 20 1.44 2.30 -3.04
CA LYS A 20 2.36 1.50 -3.84
C LYS A 20 1.65 0.29 -4.44
N SER A 21 2.37 -0.46 -5.26
CA SER A 21 1.81 -1.65 -5.90
C SER A 21 2.80 -2.82 -5.83
N PHE A 22 2.31 -4.01 -6.12
CA PHE A 22 3.13 -5.22 -6.09
C PHE A 22 2.60 -6.27 -7.06
N SER A 23 3.38 -7.33 -7.26
CA SER A 23 2.99 -8.41 -8.17
C SER A 23 2.08 -9.39 -7.46
N ILE A 24 2.41 -9.73 -6.22
CA ILE A 24 1.61 -10.66 -5.43
C ILE A 24 1.53 -10.23 -3.98
N SER A 25 0.68 -10.91 -3.22
CA SER A 25 0.49 -10.58 -1.81
C SER A 25 1.81 -10.72 -1.04
N SER A 26 2.34 -11.94 -0.99
CA SER A 26 3.59 -12.21 -0.30
C SER A 26 4.53 -11.01 -0.39
N GLN A 27 4.51 -10.34 -1.54
CA GLN A 27 5.35 -9.17 -1.76
C GLN A 27 4.75 -7.92 -1.12
N LEU A 28 3.46 -7.73 -1.34
CA LEU A 28 2.76 -6.57 -0.79
C LEU A 28 2.84 -6.57 0.74
N ALA A 29 2.68 -7.74 1.34
CA ALA A 29 2.74 -7.86 2.79
C ALA A 29 4.09 -7.38 3.33
N THR A 30 5.16 -7.90 2.76
CA THR A 30 6.50 -7.52 3.19
C THR A 30 6.65 -6.00 3.25
N HIS A 31 5.76 -5.30 2.56
CA HIS A 31 5.80 -3.84 2.53
C HIS A 31 4.92 -3.26 3.63
N GLN A 32 3.62 -3.49 3.53
CA GLN A 32 2.68 -2.97 4.53
C GLN A 32 3.21 -3.17 5.94
N ARG A 33 4.11 -4.14 6.10
CA ARG A 33 4.70 -4.44 7.40
C ARG A 33 5.16 -3.15 8.09
N ILE A 34 5.64 -2.20 7.29
CA ILE A 34 6.12 -0.93 7.82
C ILE A 34 4.95 -0.05 8.26
N HIS A 35 3.80 -0.23 7.63
CA HIS A 35 2.61 0.54 7.96
C HIS A 35 1.96 0.01 9.24
N THR A 36 2.11 -1.28 9.47
CA THR A 36 1.53 -1.91 10.66
C THR A 36 2.55 -2.01 11.78
N GLY A 37 3.83 -1.90 11.43
CA GLY A 37 4.90 -1.98 12.42
C GLY A 37 4.81 -0.86 13.43
N GLU A 38 5.47 0.26 13.14
CA GLU A 38 5.48 1.40 14.04
C GLU A 38 4.47 2.46 13.59
N LYS A 39 3.23 2.32 14.08
CA LYS A 39 2.17 3.26 13.73
C LYS A 39 0.95 3.07 14.63
N PRO A 40 0.34 4.18 15.03
CA PRO A 40 -0.85 4.16 15.90
C PRO A 40 -2.08 3.63 15.18
N SER A 41 -2.61 2.51 15.67
CA SER A 41 -3.79 1.89 15.07
C SER A 41 -4.84 2.94 14.74
N GLY A 42 -5.61 2.69 13.68
CA GLY A 42 -6.64 3.63 13.27
C GLY A 42 -6.08 4.92 12.72
N PRO A 43 -5.56 4.86 11.48
CA PRO A 43 -4.97 6.03 10.81
C PRO A 43 -6.03 7.07 10.44
N SER A 44 -7.18 6.60 9.96
CA SER A 44 -8.27 7.49 9.56
C SER A 44 -9.62 6.81 9.74
N SER A 45 -10.64 7.61 10.02
CA SER A 45 -11.98 7.08 10.22
C SER A 45 -12.38 6.16 9.08
N GLY A 46 -12.37 6.70 7.86
CA GLY A 46 -12.72 5.91 6.69
C GLY A 46 -13.60 6.68 5.73
ZN ZN B . 2.30 1.35 1.61
N GLY A 1 -0.15 8.01 -12.04
CA GLY A 1 -0.32 8.51 -10.69
C GLY A 1 0.52 9.75 -10.44
N SER A 2 1.77 9.55 -10.06
CA SER A 2 2.68 10.66 -9.77
C SER A 2 2.99 11.44 -11.04
N SER A 3 3.69 12.56 -10.87
CA SER A 3 4.05 13.40 -12.01
C SER A 3 5.28 12.85 -12.73
N GLY A 4 6.22 12.31 -11.96
CA GLY A 4 7.43 11.76 -12.54
C GLY A 4 7.16 10.50 -13.34
N SER A 5 6.97 9.38 -12.64
CA SER A 5 6.71 8.11 -13.30
C SER A 5 5.22 7.82 -13.34
N SER A 6 4.59 8.13 -14.48
CA SER A 6 3.16 7.90 -14.65
C SER A 6 2.87 6.44 -14.96
N GLY A 7 2.12 5.79 -14.07
CA GLY A 7 1.79 4.39 -14.27
C GLY A 7 0.33 4.19 -14.61
N THR A 8 0.07 3.46 -15.69
CA THR A 8 -1.30 3.18 -16.12
C THR A 8 -1.74 1.79 -15.70
N GLY A 9 -0.85 0.81 -15.83
CA GLY A 9 -1.18 -0.55 -15.46
C GLY A 9 -1.76 -0.64 -14.07
N GLU A 10 -2.44 -1.75 -13.79
CA GLU A 10 -3.07 -1.96 -12.49
C GLU A 10 -2.74 -3.36 -11.95
N LYS A 11 -2.76 -3.49 -10.63
CA LYS A 11 -2.47 -4.77 -9.98
C LYS A 11 -3.45 -5.04 -8.85
N PRO A 12 -3.78 -6.33 -8.65
CA PRO A 12 -4.72 -6.75 -7.60
C PRO A 12 -4.12 -6.57 -6.20
N PHE A 13 -2.84 -6.23 -6.14
CA PHE A 13 -2.16 -6.03 -4.87
C PHE A 13 -1.45 -4.69 -4.83
N GLU A 14 -2.12 -3.68 -4.28
CA GLU A 14 -1.55 -2.34 -4.18
C GLU A 14 -1.97 -1.67 -2.88
N CYS A 15 -0.98 -1.24 -2.10
CA CYS A 15 -1.24 -0.58 -0.82
C CYS A 15 -1.93 0.76 -1.04
N ALA A 16 -2.97 1.02 -0.25
CA ALA A 16 -3.71 2.27 -0.36
C ALA A 16 -3.12 3.34 0.57
N GLU A 17 -2.62 2.91 1.72
CA GLU A 17 -2.03 3.84 2.67
C GLU A 17 -1.00 4.74 2.00
N CYS A 18 0.03 4.14 1.43
CA CYS A 18 1.08 4.88 0.75
C CYS A 18 0.80 4.97 -0.76
N GLY A 19 0.47 3.84 -1.35
CA GLY A 19 0.19 3.80 -2.77
C GLY A 19 1.21 3.00 -3.55
N LYS A 20 1.68 1.90 -2.95
CA LYS A 20 2.67 1.05 -3.59
C LYS A 20 2.02 -0.20 -4.18
N SER A 21 2.29 -0.45 -5.46
CA SER A 21 1.72 -1.61 -6.14
C SER A 21 2.75 -2.74 -6.24
N PHE A 22 2.27 -3.97 -6.22
CA PHE A 22 3.14 -5.13 -6.30
C PHE A 22 2.57 -6.19 -7.25
N SER A 23 3.41 -7.11 -7.69
CA SER A 23 2.99 -8.16 -8.60
C SER A 23 2.38 -9.34 -7.84
N ILE A 24 3.02 -9.71 -6.74
CA ILE A 24 2.55 -10.82 -5.91
C ILE A 24 2.15 -10.33 -4.52
N SER A 25 1.04 -10.86 -4.02
CA SER A 25 0.53 -10.49 -2.71
C SER A 25 1.67 -10.44 -1.68
N SER A 26 2.37 -11.55 -1.54
CA SER A 26 3.48 -11.63 -0.60
C SER A 26 4.21 -10.30 -0.50
N GLN A 27 4.73 -9.83 -1.63
CA GLN A 27 5.45 -8.55 -1.67
C GLN A 27 4.71 -7.48 -0.87
N LEU A 28 3.41 -7.37 -1.12
CA LEU A 28 2.58 -6.39 -0.44
C LEU A 28 2.64 -6.59 1.08
N ALA A 29 2.36 -7.80 1.52
CA ALA A 29 2.39 -8.13 2.94
C ALA A 29 3.72 -7.73 3.57
N THR A 30 4.81 -8.10 2.91
CA THR A 30 6.14 -7.77 3.41
C THR A 30 6.38 -6.28 3.43
N HIS A 31 5.49 -5.53 2.77
CA HIS A 31 5.61 -4.08 2.71
C HIS A 31 4.80 -3.43 3.84
N GLN A 32 3.50 -3.73 3.87
CA GLN A 32 2.61 -3.16 4.88
C GLN A 32 3.24 -3.27 6.27
N ARG A 33 4.16 -4.22 6.44
CA ARG A 33 4.84 -4.42 7.70
C ARG A 33 5.37 -3.10 8.24
N ILE A 34 5.77 -2.22 7.34
CA ILE A 34 6.31 -0.91 7.73
C ILE A 34 5.21 -0.01 8.26
N HIS A 35 4.01 -0.18 7.73
CA HIS A 35 2.86 0.63 8.15
C HIS A 35 2.46 0.29 9.58
N THR A 36 2.56 -0.99 9.94
CA THR A 36 2.20 -1.45 11.27
C THR A 36 3.35 -1.23 12.25
N GLY A 37 3.01 -0.90 13.49
CA GLY A 37 4.02 -0.67 14.50
C GLY A 37 4.29 0.81 14.75
N GLU A 38 3.50 1.41 15.63
CA GLU A 38 3.66 2.83 15.95
C GLU A 38 4.24 3.01 17.35
N LYS A 39 4.44 4.26 17.73
CA LYS A 39 4.99 4.58 19.05
C LYS A 39 4.11 4.01 20.15
N PRO A 40 4.72 3.75 21.32
CA PRO A 40 4.01 3.20 22.48
C PRO A 40 3.05 4.20 23.10
N SER A 41 2.95 5.37 22.49
CA SER A 41 2.07 6.43 22.98
C SER A 41 0.73 6.38 22.27
N GLY A 42 -0.32 6.77 22.99
CA GLY A 42 -1.66 6.77 22.41
C GLY A 42 -2.08 8.14 21.92
N PRO A 43 -2.69 8.93 22.83
CA PRO A 43 -3.16 10.29 22.51
C PRO A 43 -2.01 11.26 22.29
N SER A 44 -2.29 12.35 21.58
CA SER A 44 -1.28 13.36 21.30
C SER A 44 -1.55 14.64 22.06
N SER A 45 -0.88 14.78 23.21
CA SER A 45 -1.06 15.97 24.05
C SER A 45 0.28 16.64 24.32
N GLY A 46 1.36 15.87 24.24
CA GLY A 46 2.68 16.40 24.47
C GLY A 46 3.50 16.53 23.20
ZN ZN B . 1.96 1.15 2.09
N GLY A 1 -1.15 21.99 -15.85
CA GLY A 1 -1.53 20.75 -15.20
C GLY A 1 -0.85 19.54 -15.81
N SER A 2 0.14 19.00 -15.12
CA SER A 2 0.89 17.84 -15.60
C SER A 2 0.54 16.60 -14.79
N SER A 3 0.13 15.54 -15.48
CA SER A 3 -0.23 14.30 -14.83
C SER A 3 0.21 13.09 -15.65
N GLY A 4 0.11 11.90 -15.06
CA GLY A 4 0.50 10.69 -15.77
C GLY A 4 1.53 9.89 -14.99
N SER A 5 2.62 10.52 -14.62
CA SER A 5 3.69 9.86 -13.87
C SER A 5 3.10 8.87 -12.88
N SER A 6 2.28 9.37 -11.96
CA SER A 6 1.66 8.53 -10.94
C SER A 6 0.90 7.37 -11.58
N GLY A 7 1.14 6.16 -11.07
CA GLY A 7 0.47 4.99 -11.61
C GLY A 7 1.29 4.30 -12.69
N THR A 8 2.28 3.52 -12.26
CA THR A 8 3.14 2.80 -13.19
C THR A 8 2.98 1.29 -13.03
N GLY A 9 1.98 0.74 -13.72
CA GLY A 9 1.73 -0.68 -13.65
C GLY A 9 0.32 -1.01 -13.19
N GLU A 10 -0.40 -1.78 -13.99
CA GLU A 10 -1.78 -2.16 -13.66
C GLU A 10 -1.79 -3.43 -12.82
N LYS A 11 -1.05 -3.42 -11.71
CA LYS A 11 -0.99 -4.57 -10.82
C LYS A 11 -2.25 -4.68 -9.98
N PRO A 12 -2.68 -5.91 -9.71
CA PRO A 12 -3.89 -6.18 -8.91
C PRO A 12 -3.68 -5.84 -7.44
N PHE A 13 -2.42 -5.89 -6.99
CA PHE A 13 -2.10 -5.59 -5.61
C PHE A 13 -1.59 -4.15 -5.47
N GLU A 14 -2.28 -3.36 -4.66
CA GLU A 14 -1.90 -1.97 -4.44
C GLU A 14 -2.12 -1.56 -2.99
N CYS A 15 -1.03 -1.25 -2.29
CA CYS A 15 -1.11 -0.84 -0.90
C CYS A 15 -2.10 0.30 -0.70
N ALA A 16 -2.95 0.18 0.30
CA ALA A 16 -3.95 1.20 0.60
C ALA A 16 -3.53 2.06 1.78
N GLU A 17 -2.22 2.23 1.95
CA GLU A 17 -1.70 3.03 3.05
C GLU A 17 -0.88 4.21 2.52
N CYS A 18 0.04 3.92 1.61
CA CYS A 18 0.88 4.96 1.03
C CYS A 18 0.56 5.17 -0.45
N GLY A 19 0.49 4.06 -1.19
CA GLY A 19 0.19 4.13 -2.60
C GLY A 19 1.20 3.38 -3.46
N LYS A 20 1.44 2.13 -3.11
CA LYS A 20 2.40 1.30 -3.84
C LYS A 20 1.68 0.16 -4.56
N SER A 21 2.43 -0.60 -5.36
CA SER A 21 1.88 -1.72 -6.10
C SER A 21 2.83 -2.91 -6.09
N PHE A 22 2.28 -4.11 -6.24
CA PHE A 22 3.08 -5.33 -6.23
C PHE A 22 2.46 -6.38 -7.14
N SER A 23 3.26 -7.36 -7.56
CA SER A 23 2.80 -8.42 -8.43
C SER A 23 2.13 -9.53 -7.62
N ILE A 24 2.73 -9.88 -6.49
CA ILE A 24 2.19 -10.92 -5.62
C ILE A 24 1.88 -10.37 -4.23
N SER A 25 0.80 -10.88 -3.63
CA SER A 25 0.39 -10.44 -2.30
C SER A 25 1.54 -10.61 -1.30
N SER A 26 2.15 -11.78 -1.30
CA SER A 26 3.25 -12.07 -0.39
C SER A 26 4.19 -10.87 -0.27
N GLN A 27 4.46 -10.24 -1.41
CA GLN A 27 5.35 -9.07 -1.44
C GLN A 27 4.71 -7.88 -0.74
N LEU A 28 3.48 -7.56 -1.14
CA LEU A 28 2.74 -6.45 -0.56
C LEU A 28 2.72 -6.55 0.97
N ALA A 29 2.25 -7.69 1.47
CA ALA A 29 2.18 -7.90 2.91
C ALA A 29 3.46 -7.48 3.60
N THR A 30 4.59 -7.96 3.09
CA THR A 30 5.89 -7.62 3.66
C THR A 30 6.09 -6.11 3.72
N HIS A 31 5.65 -5.42 2.67
CA HIS A 31 5.77 -3.97 2.61
C HIS A 31 4.87 -3.29 3.64
N GLN A 32 3.66 -3.83 3.79
CA GLN A 32 2.70 -3.28 4.74
C GLN A 32 3.31 -3.15 6.12
N ARG A 33 4.42 -3.85 6.34
CA ARG A 33 5.10 -3.83 7.63
C ARG A 33 5.60 -2.43 7.94
N ILE A 34 5.97 -1.68 6.91
CA ILE A 34 6.47 -0.32 7.07
C ILE A 34 5.44 0.56 7.78
N HIS A 35 4.18 0.13 7.73
CA HIS A 35 3.09 0.89 8.36
C HIS A 35 2.79 0.34 9.74
N THR A 36 2.98 -0.97 9.92
CA THR A 36 2.72 -1.62 11.20
C THR A 36 3.96 -2.34 11.71
N GLY A 37 4.62 -1.73 12.70
CA GLY A 37 5.81 -2.34 13.27
C GLY A 37 6.97 -1.35 13.35
N GLU A 38 7.04 -0.44 12.39
CA GLU A 38 8.11 0.55 12.35
C GLU A 38 8.15 1.34 13.65
N LYS A 39 7.09 1.23 14.45
CA LYS A 39 6.99 1.93 15.72
C LYS A 39 5.79 1.45 16.53
N PRO A 40 5.97 1.33 17.85
CA PRO A 40 4.92 0.89 18.76
C PRO A 40 3.79 1.92 18.90
N SER A 41 4.07 3.14 18.45
CA SER A 41 3.08 4.21 18.52
C SER A 41 1.75 3.77 17.91
N GLY A 42 1.80 3.31 16.66
CA GLY A 42 0.60 2.87 15.99
C GLY A 42 0.56 3.29 14.54
N PRO A 43 -0.20 4.35 14.23
CA PRO A 43 -0.34 4.87 12.88
C PRO A 43 0.94 5.53 12.37
N SER A 44 1.22 5.37 11.08
CA SER A 44 2.41 5.96 10.48
C SER A 44 2.09 6.62 9.15
N SER A 45 2.63 7.82 8.94
CA SER A 45 2.39 8.56 7.71
C SER A 45 3.52 8.35 6.72
N GLY A 46 3.39 7.31 5.90
CA GLY A 46 4.41 7.00 4.91
C GLY A 46 3.97 7.35 3.50
ZN ZN B . 2.28 1.17 1.93
N GLY A 1 -22.85 11.62 -15.44
CA GLY A 1 -21.81 12.28 -14.68
C GLY A 1 -21.21 11.40 -13.61
N SER A 2 -20.16 10.67 -13.96
CA SER A 2 -19.49 9.77 -13.03
C SER A 2 -18.01 9.67 -13.33
N SER A 3 -17.24 9.21 -12.35
CA SER A 3 -15.79 9.07 -12.51
C SER A 3 -15.41 7.60 -12.60
N GLY A 4 -14.54 7.29 -13.56
CA GLY A 4 -14.10 5.91 -13.73
C GLY A 4 -12.94 5.55 -12.83
N SER A 5 -11.86 5.03 -13.41
CA SER A 5 -10.68 4.64 -12.64
C SER A 5 -9.75 5.83 -12.45
N SER A 6 -9.36 6.48 -13.54
CA SER A 6 -8.47 7.61 -13.49
C SER A 6 -7.15 7.24 -12.83
N GLY A 7 -6.64 6.06 -13.17
CA GLY A 7 -5.39 5.61 -12.60
C GLY A 7 -4.78 4.46 -13.39
N THR A 8 -3.48 4.23 -13.18
CA THR A 8 -2.77 3.16 -13.89
C THR A 8 -2.52 1.98 -12.96
N GLY A 9 -3.51 1.65 -12.13
CA GLY A 9 -3.38 0.55 -11.21
C GLY A 9 -4.21 -0.65 -11.62
N GLU A 10 -3.55 -1.77 -11.91
CA GLU A 10 -4.25 -2.98 -12.32
C GLU A 10 -3.89 -4.15 -11.40
N LYS A 11 -2.70 -4.09 -10.80
CA LYS A 11 -2.24 -5.13 -9.90
C LYS A 11 -3.28 -5.43 -8.83
N PRO A 12 -3.47 -6.72 -8.54
CA PRO A 12 -4.44 -7.17 -7.54
C PRO A 12 -4.01 -6.81 -6.11
N PHE A 13 -2.72 -6.61 -5.93
CA PHE A 13 -2.18 -6.26 -4.61
C PHE A 13 -1.58 -4.85 -4.63
N GLU A 14 -2.23 -3.94 -3.93
CA GLU A 14 -1.76 -2.55 -3.87
C GLU A 14 -2.03 -1.96 -2.50
N CYS A 15 -1.11 -1.11 -2.04
CA CYS A 15 -1.25 -0.47 -0.73
C CYS A 15 -2.10 0.80 -0.84
N ALA A 16 -2.99 0.98 0.14
CA ALA A 16 -3.86 2.15 0.17
C ALA A 16 -3.44 3.12 1.25
N GLU A 17 -2.14 3.22 1.49
CA GLU A 17 -1.61 4.12 2.52
C GLU A 17 -0.59 5.09 1.92
N CYS A 18 0.49 4.55 1.38
CA CYS A 18 1.53 5.36 0.77
C CYS A 18 1.28 5.55 -0.72
N GLY A 19 1.04 4.45 -1.42
CA GLY A 19 0.80 4.52 -2.85
C GLY A 19 1.77 3.67 -3.65
N LYS A 20 1.90 2.41 -3.28
CA LYS A 20 2.80 1.50 -3.96
C LYS A 20 2.11 0.16 -4.24
N SER A 21 2.10 -0.25 -5.51
CA SER A 21 1.47 -1.50 -5.91
C SER A 21 2.52 -2.59 -6.09
N PHE A 22 2.07 -3.84 -6.13
CA PHE A 22 2.96 -4.98 -6.30
C PHE A 22 2.37 -5.99 -7.27
N SER A 23 3.15 -7.02 -7.59
CA SER A 23 2.70 -8.05 -8.52
C SER A 23 2.06 -9.22 -7.77
N ILE A 24 2.73 -9.68 -6.72
CA ILE A 24 2.22 -10.79 -5.92
C ILE A 24 1.84 -10.32 -4.51
N SER A 25 1.36 -11.25 -3.71
CA SER A 25 0.95 -10.93 -2.34
C SER A 25 2.16 -10.83 -1.42
N SER A 26 2.93 -11.92 -1.34
CA SER A 26 4.11 -11.96 -0.49
C SER A 26 4.84 -10.62 -0.52
N GLN A 27 4.91 -10.01 -1.70
CA GLN A 27 5.57 -8.73 -1.85
C GLN A 27 4.81 -7.62 -1.14
N LEU A 28 3.50 -7.58 -1.33
CA LEU A 28 2.65 -6.58 -0.70
C LEU A 28 2.72 -6.69 0.82
N ALA A 29 2.46 -7.89 1.32
CA ALA A 29 2.49 -8.14 2.77
C ALA A 29 3.79 -7.62 3.38
N THR A 30 4.91 -8.10 2.86
CA THR A 30 6.21 -7.68 3.37
C THR A 30 6.33 -6.16 3.41
N HIS A 31 5.49 -5.49 2.64
CA HIS A 31 5.50 -4.03 2.59
C HIS A 31 4.52 -3.44 3.61
N GLN A 32 3.30 -3.98 3.62
CA GLN A 32 2.28 -3.51 4.55
C GLN A 32 2.82 -3.47 5.98
N ARG A 33 3.76 -4.36 6.27
CA ARG A 33 4.35 -4.43 7.60
C ARG A 33 4.88 -3.07 8.04
N ILE A 34 5.31 -2.26 7.08
CA ILE A 34 5.83 -0.93 7.36
C ILE A 34 4.81 -0.10 8.13
N HIS A 35 3.57 -0.11 7.67
CA HIS A 35 2.50 0.64 8.31
C HIS A 35 2.02 -0.07 9.57
N THR A 36 2.16 -1.39 9.59
CA THR A 36 1.73 -2.19 10.74
C THR A 36 2.92 -2.60 11.59
N GLY A 37 3.17 -1.85 12.67
CA GLY A 37 4.28 -2.16 13.55
C GLY A 37 4.01 -1.74 14.98
N GLU A 38 4.21 -0.46 15.27
CA GLU A 38 3.99 0.06 16.62
C GLU A 38 2.68 0.82 16.70
N LYS A 39 1.57 0.10 16.76
CA LYS A 39 0.25 0.70 16.84
C LYS A 39 -0.83 -0.36 17.04
N PRO A 40 -1.84 -0.02 17.86
CA PRO A 40 -2.95 -0.94 18.16
C PRO A 40 -3.86 -1.16 16.95
N SER A 41 -4.13 -2.42 16.65
CA SER A 41 -4.98 -2.77 15.52
C SER A 41 -6.38 -3.12 15.98
N GLY A 42 -7.35 -2.30 15.58
CA GLY A 42 -8.73 -2.54 15.96
C GLY A 42 -9.72 -2.07 14.91
N PRO A 43 -9.99 -2.94 13.91
CA PRO A 43 -10.92 -2.62 12.83
C PRO A 43 -12.37 -2.57 13.30
N SER A 44 -13.28 -2.29 12.37
CA SER A 44 -14.69 -2.21 12.70
C SER A 44 -15.07 -3.21 13.78
N SER A 45 -14.78 -4.48 13.52
CA SER A 45 -15.08 -5.55 14.48
C SER A 45 -13.83 -5.95 15.26
N GLY A 46 -13.99 -6.08 16.58
CA GLY A 46 -12.87 -6.45 17.41
C GLY A 46 -12.40 -7.87 17.17
ZN ZN B . 2.25 1.37 1.84
N GLY A 1 -13.86 3.56 -13.13
CA GLY A 1 -14.78 3.58 -14.25
C GLY A 1 -14.32 2.68 -15.39
N SER A 2 -14.45 3.17 -16.62
CA SER A 2 -14.05 2.40 -17.79
C SER A 2 -12.54 2.40 -17.96
N SER A 3 -12.02 1.36 -18.58
CA SER A 3 -10.58 1.23 -18.81
C SER A 3 -10.25 1.31 -20.29
N GLY A 4 -9.10 1.88 -20.61
CA GLY A 4 -8.68 2.02 -21.99
C GLY A 4 -8.56 0.67 -22.69
N SER A 5 -7.82 0.64 -23.79
CA SER A 5 -7.64 -0.58 -24.55
C SER A 5 -6.32 -1.26 -24.17
N SER A 6 -5.26 -0.47 -24.10
CA SER A 6 -3.94 -1.00 -23.74
C SER A 6 -3.89 -1.39 -22.26
N GLY A 7 -3.44 -2.62 -22.00
CA GLY A 7 -3.36 -3.09 -20.63
C GLY A 7 -2.37 -4.23 -20.49
N THR A 8 -2.74 -5.41 -21.00
CA THR A 8 -1.88 -6.58 -20.92
C THR A 8 -1.26 -6.71 -19.53
N GLY A 9 -2.03 -6.42 -18.51
CA GLY A 9 -1.54 -6.50 -17.14
C GLY A 9 -2.53 -5.98 -16.13
N GLU A 10 -2.41 -6.44 -14.89
CA GLU A 10 -3.31 -6.01 -13.82
C GLU A 10 -2.62 -6.10 -12.46
N LYS A 11 -2.67 -5.01 -11.71
CA LYS A 11 -2.05 -4.97 -10.39
C LYS A 11 -3.11 -4.99 -9.29
N PRO A 12 -3.57 -6.20 -8.92
CA PRO A 12 -4.58 -6.38 -7.88
C PRO A 12 -4.05 -6.05 -6.49
N PHE A 13 -2.72 -6.06 -6.34
CA PHE A 13 -2.09 -5.76 -5.06
C PHE A 13 -1.57 -4.32 -5.04
N GLU A 14 -2.42 -3.39 -4.61
CA GLU A 14 -2.03 -1.99 -4.54
C GLU A 14 -2.23 -1.44 -3.13
N CYS A 15 -1.12 -1.13 -2.46
CA CYS A 15 -1.17 -0.60 -1.10
C CYS A 15 -2.07 0.63 -1.04
N ALA A 16 -3.09 0.57 -0.19
CA ALA A 16 -4.03 1.67 -0.03
C ALA A 16 -3.67 2.51 1.19
N GLU A 17 -2.38 2.70 1.42
CA GLU A 17 -1.91 3.48 2.56
C GLU A 17 -0.99 4.61 2.11
N CYS A 18 0.05 4.26 1.38
CA CYS A 18 1.00 5.24 0.87
C CYS A 18 0.78 5.51 -0.62
N GLY A 19 0.65 4.44 -1.38
CA GLY A 19 0.43 4.58 -2.81
C GLY A 19 1.42 3.77 -3.64
N LYS A 20 1.52 2.48 -3.34
CA LYS A 20 2.42 1.59 -4.06
C LYS A 20 1.69 0.35 -4.57
N SER A 21 2.39 -0.45 -5.35
CA SER A 21 1.81 -1.67 -5.91
C SER A 21 2.81 -2.81 -5.88
N PHE A 22 2.34 -4.03 -6.15
CA PHE A 22 3.19 -5.21 -6.15
C PHE A 22 2.66 -6.27 -7.12
N SER A 23 3.50 -7.23 -7.45
CA SER A 23 3.12 -8.30 -8.38
C SER A 23 2.30 -9.37 -7.66
N ILE A 24 2.83 -9.85 -6.54
CA ILE A 24 2.15 -10.88 -5.76
C ILE A 24 1.83 -10.38 -4.36
N SER A 25 0.93 -11.08 -3.68
CA SER A 25 0.53 -10.71 -2.33
C SER A 25 1.73 -10.71 -1.38
N SER A 26 2.42 -11.84 -1.31
CA SER A 26 3.58 -11.98 -0.45
C SER A 26 4.37 -10.67 -0.39
N GLN A 27 4.67 -10.11 -1.55
CA GLN A 27 5.41 -8.86 -1.63
C GLN A 27 4.70 -7.75 -0.86
N LEU A 28 3.40 -7.63 -1.10
CA LEU A 28 2.60 -6.60 -0.43
C LEU A 28 2.68 -6.74 1.09
N ALA A 29 2.49 -7.97 1.57
CA ALA A 29 2.56 -8.24 3.00
C ALA A 29 3.89 -7.78 3.59
N THR A 30 4.98 -8.08 2.88
CA THR A 30 6.31 -7.70 3.34
C THR A 30 6.46 -6.19 3.40
N HIS A 31 5.53 -5.48 2.77
CA HIS A 31 5.56 -4.02 2.75
C HIS A 31 4.74 -3.44 3.90
N GLN A 32 3.51 -3.92 4.04
CA GLN A 32 2.63 -3.45 5.11
C GLN A 32 3.35 -3.48 6.46
N ARG A 33 4.42 -4.25 6.53
CA ARG A 33 5.19 -4.37 7.76
C ARG A 33 5.63 -2.99 8.26
N ILE A 34 5.95 -2.11 7.33
CA ILE A 34 6.40 -0.76 7.69
C ILE A 34 5.20 0.15 7.94
N HIS A 35 4.01 -0.34 7.62
CA HIS A 35 2.78 0.43 7.82
C HIS A 35 2.11 0.05 9.14
N THR A 36 2.20 -1.23 9.50
CA THR A 36 1.60 -1.72 10.72
C THR A 36 2.44 -1.35 11.94
N GLY A 37 2.53 -0.04 12.20
CA GLY A 37 3.30 0.43 13.34
C GLY A 37 3.34 1.95 13.42
N GLU A 38 3.66 2.59 12.30
CA GLU A 38 3.73 4.04 12.25
C GLU A 38 2.47 4.63 11.63
N LYS A 39 1.36 4.51 12.34
CA LYS A 39 0.08 5.03 11.86
C LYS A 39 -0.07 6.51 12.22
N PRO A 40 -0.55 7.31 11.25
CA PRO A 40 -0.76 8.74 11.45
C PRO A 40 -1.91 9.05 12.40
N SER A 41 -1.78 10.13 13.17
CA SER A 41 -2.81 10.53 14.12
C SER A 41 -4.20 10.20 13.58
N GLY A 42 -4.81 9.15 14.13
CA GLY A 42 -6.14 8.76 13.69
C GLY A 42 -6.87 7.95 14.74
N PRO A 43 -7.87 7.17 14.30
CA PRO A 43 -8.68 6.33 15.19
C PRO A 43 -7.88 5.16 15.76
N SER A 44 -8.46 4.49 16.74
CA SER A 44 -7.80 3.34 17.37
C SER A 44 -7.94 2.09 16.51
N SER A 45 -6.87 1.30 16.46
CA SER A 45 -6.86 0.08 15.66
C SER A 45 -6.66 -1.15 16.55
N GLY A 46 -7.07 -2.30 16.04
CA GLY A 46 -6.94 -3.53 16.80
C GLY A 46 -7.15 -3.32 18.28
ZN ZN B . 2.24 1.31 1.63
N GLY A 1 -12.80 18.12 -22.38
CA GLY A 1 -12.71 16.75 -21.92
C GLY A 1 -11.42 16.46 -21.17
N SER A 2 -11.39 15.34 -20.46
CA SER A 2 -10.21 14.97 -19.68
C SER A 2 -10.12 13.45 -19.53
N SER A 3 -8.90 12.91 -19.67
CA SER A 3 -8.67 11.48 -19.55
C SER A 3 -7.26 11.19 -19.08
N GLY A 4 -7.10 10.09 -18.36
CA GLY A 4 -5.79 9.71 -17.85
C GLY A 4 -5.78 8.34 -17.20
N SER A 5 -5.39 7.33 -17.98
CA SER A 5 -5.35 5.96 -17.48
C SER A 5 -4.37 5.12 -18.30
N SER A 6 -3.62 4.26 -17.61
CA SER A 6 -2.65 3.40 -18.25
C SER A 6 -2.11 2.35 -17.28
N GLY A 7 -1.30 1.44 -17.80
CA GLY A 7 -0.74 0.39 -16.96
C GLY A 7 -0.88 -0.98 -17.59
N THR A 8 -0.17 -1.20 -18.70
CA THR A 8 -0.23 -2.49 -19.39
C THR A 8 -0.26 -3.65 -18.40
N GLY A 9 0.67 -3.63 -17.46
CA GLY A 9 0.73 -4.69 -16.45
C GLY A 9 -0.41 -4.62 -15.47
N GLU A 10 -0.87 -5.78 -15.00
CA GLU A 10 -1.97 -5.84 -14.04
C GLU A 10 -1.45 -5.76 -12.62
N LYS A 11 -2.17 -5.04 -11.76
CA LYS A 11 -1.78 -4.89 -10.36
C LYS A 11 -2.92 -5.31 -9.43
N PRO A 12 -3.02 -6.62 -9.19
CA PRO A 12 -4.05 -7.20 -8.32
C PRO A 12 -3.84 -6.84 -6.85
N PHE A 13 -2.71 -6.18 -6.57
CA PHE A 13 -2.38 -5.78 -5.20
C PHE A 13 -1.81 -4.37 -5.17
N GLU A 14 -2.53 -3.47 -4.51
CA GLU A 14 -2.10 -2.08 -4.41
C GLU A 14 -2.22 -1.58 -2.96
N CYS A 15 -1.14 -0.97 -2.47
CA CYS A 15 -1.12 -0.45 -1.11
C CYS A 15 -1.98 0.80 -0.99
N ALA A 16 -2.94 0.77 -0.08
CA ALA A 16 -3.84 1.90 0.14
C ALA A 16 -3.41 2.71 1.36
N GLU A 17 -2.10 2.87 1.53
CA GLU A 17 -1.57 3.62 2.65
C GLU A 17 -0.63 4.73 2.18
N CYS A 18 0.41 4.33 1.45
CA CYS A 18 1.39 5.28 0.93
C CYS A 18 1.12 5.59 -0.55
N GLY A 19 0.89 4.54 -1.33
CA GLY A 19 0.62 4.72 -2.75
C GLY A 19 1.52 3.85 -3.62
N LYS A 20 1.73 2.61 -3.20
CA LYS A 20 2.56 1.69 -3.95
C LYS A 20 1.74 0.53 -4.51
N SER A 21 2.37 -0.28 -5.35
CA SER A 21 1.69 -1.43 -5.96
C SER A 21 2.61 -2.63 -6.05
N PHE A 22 2.04 -3.81 -6.27
CA PHE A 22 2.81 -5.03 -6.38
C PHE A 22 2.13 -6.02 -7.33
N SER A 23 2.72 -7.21 -7.44
CA SER A 23 2.18 -8.24 -8.32
C SER A 23 1.61 -9.41 -7.50
N ILE A 24 2.38 -9.86 -6.52
CA ILE A 24 1.96 -10.96 -5.66
C ILE A 24 1.64 -10.49 -4.26
N SER A 25 1.07 -11.37 -3.45
CA SER A 25 0.72 -11.02 -2.07
C SER A 25 1.97 -10.90 -1.21
N SER A 26 2.76 -11.97 -1.16
CA SER A 26 3.98 -11.97 -0.36
C SER A 26 4.66 -10.60 -0.38
N GLN A 27 4.85 -10.08 -1.58
CA GLN A 27 5.49 -8.77 -1.75
C GLN A 27 4.80 -7.72 -0.89
N LEU A 28 3.51 -7.51 -1.13
CA LEU A 28 2.73 -6.53 -0.39
C LEU A 28 2.82 -6.81 1.11
N ALA A 29 2.62 -8.07 1.49
CA ALA A 29 2.69 -8.46 2.90
C ALA A 29 3.91 -7.87 3.58
N THR A 30 5.06 -7.99 2.94
CA THR A 30 6.31 -7.46 3.48
C THR A 30 6.21 -5.96 3.72
N HIS A 31 6.00 -5.21 2.64
CA HIS A 31 5.88 -3.75 2.74
C HIS A 31 4.92 -3.35 3.85
N GLN A 32 3.76 -3.99 3.87
CA GLN A 32 2.74 -3.70 4.88
C GLN A 32 3.35 -3.65 6.27
N ARG A 33 4.53 -4.27 6.42
CA ARG A 33 5.22 -4.29 7.71
C ARG A 33 5.40 -2.88 8.25
N ILE A 34 5.72 -1.94 7.36
CA ILE A 34 5.91 -0.55 7.75
C ILE A 34 4.58 0.16 7.97
N HIS A 35 3.49 -0.53 7.63
CA HIS A 35 2.16 0.03 7.80
C HIS A 35 1.45 -0.59 9.00
N THR A 36 1.81 -1.82 9.32
CA THR A 36 1.21 -2.53 10.44
C THR A 36 2.02 -2.31 11.73
N GLY A 37 1.40 -2.60 12.87
CA GLY A 37 2.08 -2.43 14.14
C GLY A 37 1.42 -1.37 15.01
N GLU A 38 2.22 -0.71 15.84
CA GLU A 38 1.71 0.34 16.73
C GLU A 38 1.33 1.58 15.93
N LYS A 39 0.59 2.48 16.58
CA LYS A 39 0.16 3.72 15.94
C LYS A 39 0.71 4.93 16.68
N PRO A 40 1.25 5.89 15.93
CA PRO A 40 1.82 7.12 16.49
C PRO A 40 0.75 8.05 17.06
N SER A 41 1.19 9.08 17.78
CA SER A 41 0.26 10.03 18.37
C SER A 41 -0.87 10.38 17.41
N GLY A 42 -2.07 10.55 17.95
CA GLY A 42 -3.21 10.89 17.12
C GLY A 42 -4.42 11.29 17.95
N PRO A 43 -5.61 11.17 17.34
CA PRO A 43 -6.87 11.53 18.00
C PRO A 43 -7.24 10.56 19.12
N SER A 44 -8.42 10.73 19.70
CA SER A 44 -8.89 9.87 20.77
C SER A 44 -10.41 9.88 20.85
N SER A 45 -10.97 8.80 21.39
CA SER A 45 -12.42 8.68 21.52
C SER A 45 -12.88 9.21 22.88
N GLY A 46 -14.17 9.52 22.98
CA GLY A 46 -14.73 10.04 24.21
C GLY A 46 -14.94 8.96 25.25
ZN ZN B . 2.47 1.35 1.49
N GLY A 1 -10.43 9.51 -6.96
CA GLY A 1 -10.17 10.93 -6.96
C GLY A 1 -9.49 11.40 -8.23
N SER A 2 -10.29 11.74 -9.24
CA SER A 2 -9.76 12.20 -10.51
C SER A 2 -9.24 13.63 -10.40
N SER A 3 -8.02 13.78 -9.89
CA SER A 3 -7.41 15.09 -9.73
C SER A 3 -6.29 15.29 -10.74
N GLY A 4 -6.24 16.49 -11.33
CA GLY A 4 -5.22 16.79 -12.31
C GLY A 4 -4.93 15.62 -13.23
N SER A 5 -3.65 15.33 -13.43
CA SER A 5 -3.24 14.23 -14.29
C SER A 5 -2.86 13.00 -13.47
N SER A 6 -3.85 12.19 -13.14
CA SER A 6 -3.62 10.98 -12.36
C SER A 6 -4.04 9.73 -13.14
N GLY A 7 -3.38 8.62 -12.86
CA GLY A 7 -3.70 7.38 -13.54
C GLY A 7 -4.54 6.45 -12.69
N THR A 8 -4.97 5.34 -13.27
CA THR A 8 -5.79 4.36 -12.55
C THR A 8 -4.93 3.32 -11.85
N GLY A 9 -4.10 2.63 -12.62
CA GLY A 9 -3.23 1.61 -12.04
C GLY A 9 -4.00 0.43 -11.51
N GLU A 10 -4.26 -0.54 -12.38
CA GLU A 10 -5.01 -1.74 -11.99
C GLU A 10 -4.06 -2.81 -11.45
N LYS A 11 -4.03 -2.96 -10.13
CA LYS A 11 -3.17 -3.94 -9.48
C LYS A 11 -3.93 -4.70 -8.40
N PRO A 12 -3.84 -6.03 -8.44
CA PRO A 12 -4.51 -6.90 -7.47
C PRO A 12 -3.90 -6.80 -6.08
N PHE A 13 -2.59 -6.53 -6.02
CA PHE A 13 -1.89 -6.41 -4.76
C PHE A 13 -1.13 -5.09 -4.69
N GLU A 14 -1.74 -4.09 -4.07
CA GLU A 14 -1.12 -2.77 -3.93
C GLU A 14 -1.48 -2.13 -2.60
N CYS A 15 -0.56 -1.36 -2.05
CA CYS A 15 -0.77 -0.69 -0.77
C CYS A 15 -1.70 0.51 -0.93
N ALA A 16 -2.80 0.50 -0.18
CA ALA A 16 -3.77 1.58 -0.24
C ALA A 16 -3.56 2.57 0.91
N GLU A 17 -2.30 2.76 1.30
CA GLU A 17 -1.97 3.68 2.37
C GLU A 17 -1.00 4.75 1.90
N CYS A 18 0.17 4.32 1.41
CA CYS A 18 1.18 5.25 0.92
C CYS A 18 0.95 5.58 -0.55
N GLY A 19 0.87 4.55 -1.38
CA GLY A 19 0.65 4.75 -2.80
C GLY A 19 1.57 3.90 -3.66
N LYS A 20 1.71 2.63 -3.30
CA LYS A 20 2.57 1.72 -4.04
C LYS A 20 1.79 0.48 -4.46
N SER A 21 2.30 -0.22 -5.48
CA SER A 21 1.65 -1.43 -5.98
C SER A 21 2.66 -2.56 -6.13
N PHE A 22 2.15 -3.79 -6.18
CA PHE A 22 3.02 -4.96 -6.32
C PHE A 22 2.41 -5.97 -7.30
N SER A 23 3.09 -7.09 -7.48
CA SER A 23 2.62 -8.13 -8.39
C SER A 23 1.92 -9.24 -7.62
N ILE A 24 2.55 -9.71 -6.55
CA ILE A 24 2.00 -10.78 -5.74
C ILE A 24 1.69 -10.29 -4.33
N SER A 25 0.96 -11.10 -3.56
CA SER A 25 0.60 -10.75 -2.20
C SER A 25 1.83 -10.59 -1.32
N SER A 26 2.59 -11.68 -1.20
CA SER A 26 3.81 -11.67 -0.38
C SER A 26 4.51 -10.32 -0.47
N GLN A 27 4.83 -9.90 -1.69
CA GLN A 27 5.50 -8.62 -1.90
C GLN A 27 4.78 -7.49 -1.16
N LEU A 28 3.47 -7.42 -1.34
CA LEU A 28 2.65 -6.40 -0.69
C LEU A 28 2.72 -6.53 0.82
N ALA A 29 2.31 -7.70 1.33
CA ALA A 29 2.32 -7.96 2.76
C ALA A 29 3.65 -7.56 3.38
N THR A 30 4.75 -8.08 2.82
CA THR A 30 6.08 -7.77 3.32
C THR A 30 6.30 -6.27 3.41
N HIS A 31 5.52 -5.51 2.66
CA HIS A 31 5.64 -4.06 2.65
C HIS A 31 4.69 -3.44 3.67
N GLN A 32 3.43 -3.87 3.65
CA GLN A 32 2.43 -3.36 4.57
C GLN A 32 2.93 -3.41 6.01
N ARG A 33 3.86 -4.32 6.28
CA ARG A 33 4.42 -4.48 7.61
C ARG A 33 5.02 -3.17 8.10
N ILE A 34 5.49 -2.35 7.16
CA ILE A 34 6.10 -1.07 7.50
C ILE A 34 5.07 -0.13 8.15
N HIS A 35 3.81 -0.26 7.72
CA HIS A 35 2.75 0.57 8.25
C HIS A 35 2.33 0.09 9.65
N THR A 36 2.39 -1.21 9.86
CA THR A 36 2.03 -1.80 11.15
C THR A 36 3.26 -2.25 11.92
N GLY A 37 3.55 -1.57 13.02
CA GLY A 37 4.70 -1.92 13.83
C GLY A 37 5.18 -0.76 14.69
N GLU A 38 4.23 0.01 15.22
CA GLU A 38 4.57 1.16 16.06
C GLU A 38 4.78 0.73 17.51
N LYS A 39 6.00 0.31 17.81
CA LYS A 39 6.35 -0.13 19.17
C LYS A 39 7.26 0.88 19.84
N PRO A 40 6.69 2.00 20.29
CA PRO A 40 7.43 3.06 20.98
C PRO A 40 7.90 2.64 22.36
N SER A 41 7.05 1.92 23.08
CA SER A 41 7.38 1.45 24.42
C SER A 41 6.36 0.43 24.91
N GLY A 42 6.81 -0.47 25.79
CA GLY A 42 5.93 -1.49 26.32
C GLY A 42 5.19 -1.02 27.57
N PRO A 43 5.90 -1.01 28.71
CA PRO A 43 5.34 -0.59 29.98
C PRO A 43 5.04 0.90 30.03
N SER A 44 4.26 1.32 31.02
CA SER A 44 3.90 2.73 31.18
C SER A 44 5.12 3.56 31.58
N SER A 45 5.84 4.07 30.58
CA SER A 45 7.03 4.88 30.84
C SER A 45 6.67 6.37 30.81
N GLY A 46 6.18 6.83 29.67
CA GLY A 46 5.82 8.22 29.53
C GLY A 46 6.73 8.97 28.57
ZN ZN B . 2.51 1.29 2.07
N GLY A 1 1.21 19.98 -4.38
CA GLY A 1 -0.21 20.24 -4.39
C GLY A 1 -0.94 19.51 -5.50
N SER A 2 -0.53 19.77 -6.74
CA SER A 2 -1.14 19.13 -7.90
C SER A 2 -0.39 17.86 -8.29
N SER A 3 -1.02 16.72 -8.10
CA SER A 3 -0.39 15.43 -8.43
C SER A 3 -1.29 14.62 -9.36
N GLY A 4 -0.70 13.62 -10.02
CA GLY A 4 -1.46 12.79 -10.92
C GLY A 4 -1.14 11.31 -10.76
N SER A 5 -2.18 10.48 -10.72
CA SER A 5 -2.00 9.05 -10.55
C SER A 5 -2.56 8.29 -11.75
N SER A 6 -2.31 8.81 -12.95
CA SER A 6 -2.80 8.18 -14.17
C SER A 6 -1.78 7.20 -14.73
N GLY A 7 -1.96 5.92 -14.41
CA GLY A 7 -1.05 4.89 -14.88
C GLY A 7 -1.62 4.11 -16.05
N THR A 8 -0.73 3.53 -16.85
CA THR A 8 -1.14 2.76 -18.02
C THR A 8 -1.17 1.26 -17.69
N GLY A 9 -1.64 0.93 -16.49
CA GLY A 9 -1.72 -0.46 -16.09
C GLY A 9 -2.37 -0.63 -14.74
N GLU A 10 -2.90 -1.83 -14.49
CA GLU A 10 -3.56 -2.13 -13.23
C GLU A 10 -2.94 -3.34 -12.55
N LYS A 11 -2.87 -3.30 -11.22
CA LYS A 11 -2.29 -4.40 -10.46
C LYS A 11 -3.28 -4.91 -9.41
N PRO A 12 -3.26 -6.23 -9.19
CA PRO A 12 -4.15 -6.88 -8.22
C PRO A 12 -3.79 -6.52 -6.77
N PHE A 13 -2.55 -6.09 -6.57
CA PHE A 13 -2.09 -5.73 -5.23
C PHE A 13 -1.59 -4.29 -5.21
N GLU A 14 -2.36 -3.42 -4.55
CA GLU A 14 -2.02 -2.01 -4.45
C GLU A 14 -2.24 -1.48 -3.04
N CYS A 15 -1.16 -1.07 -2.39
CA CYS A 15 -1.24 -0.55 -1.03
C CYS A 15 -2.20 0.64 -0.95
N ALA A 16 -3.12 0.59 0.01
CA ALA A 16 -4.09 1.66 0.19
C ALA A 16 -3.68 2.57 1.35
N GLU A 17 -2.39 2.70 1.56
CA GLU A 17 -1.87 3.55 2.64
C GLU A 17 -0.96 4.64 2.07
N CYS A 18 0.06 4.24 1.34
CA CYS A 18 1.01 5.17 0.75
C CYS A 18 0.73 5.38 -0.74
N GLY A 19 0.49 4.27 -1.45
CA GLY A 19 0.21 4.34 -2.87
C GLY A 19 1.22 3.58 -3.70
N LYS A 20 1.48 2.33 -3.32
CA LYS A 20 2.43 1.50 -4.04
C LYS A 20 1.75 0.23 -4.57
N SER A 21 2.31 -0.31 -5.65
CA SER A 21 1.75 -1.53 -6.25
C SER A 21 2.79 -2.65 -6.28
N PHE A 22 2.32 -3.88 -6.10
CA PHE A 22 3.20 -5.03 -6.10
C PHE A 22 2.78 -6.05 -7.15
N SER A 23 3.49 -7.17 -7.22
CA SER A 23 3.19 -8.21 -8.19
C SER A 23 2.40 -9.34 -7.54
N ILE A 24 2.72 -9.63 -6.29
CA ILE A 24 2.03 -10.69 -5.56
C ILE A 24 1.85 -10.32 -4.10
N SER A 25 0.80 -10.86 -3.48
CA SER A 25 0.52 -10.58 -2.08
C SER A 25 1.77 -10.71 -1.22
N SER A 26 2.39 -11.89 -1.26
CA SER A 26 3.60 -12.14 -0.49
C SER A 26 4.45 -10.87 -0.38
N GLN A 27 4.59 -10.17 -1.48
CA GLN A 27 5.38 -8.94 -1.51
C GLN A 27 4.62 -7.79 -0.87
N LEU A 28 3.36 -7.62 -1.26
CA LEU A 28 2.52 -6.56 -0.72
C LEU A 28 2.52 -6.59 0.81
N ALA A 29 2.38 -7.79 1.37
CA ALA A 29 2.37 -7.96 2.81
C ALA A 29 3.68 -7.49 3.43
N THR A 30 4.79 -7.98 2.91
CA THR A 30 6.11 -7.61 3.42
C THR A 30 6.23 -6.10 3.58
N HIS A 31 5.53 -5.37 2.73
CA HIS A 31 5.55 -3.91 2.78
C HIS A 31 4.69 -3.39 3.92
N GLN A 32 3.45 -3.87 4.00
CA GLN A 32 2.54 -3.46 5.05
C GLN A 32 3.20 -3.52 6.41
N ARG A 33 4.29 -4.28 6.50
CA ARG A 33 5.02 -4.42 7.75
C ARG A 33 5.51 -3.07 8.26
N ILE A 34 6.20 -2.33 7.40
CA ILE A 34 6.72 -1.02 7.75
C ILE A 34 5.59 -0.05 8.08
N HIS A 35 4.37 -0.43 7.73
CA HIS A 35 3.20 0.40 7.99
C HIS A 35 2.61 0.11 9.37
N THR A 36 2.63 -1.17 9.76
CA THR A 36 2.11 -1.58 11.05
C THR A 36 3.12 -1.34 12.16
N GLY A 37 3.18 -0.11 12.65
CA GLY A 37 4.10 0.23 13.71
C GLY A 37 4.07 1.70 14.07
N GLU A 38 5.18 2.40 13.87
CA GLU A 38 5.27 3.82 14.19
C GLU A 38 5.14 4.67 12.93
N LYS A 39 4.12 5.53 12.90
CA LYS A 39 3.89 6.39 11.75
C LYS A 39 3.35 7.75 12.20
N PRO A 40 3.69 8.81 11.45
CA PRO A 40 3.25 10.17 11.74
C PRO A 40 1.75 10.36 11.50
N SER A 41 1.29 11.60 11.64
CA SER A 41 -0.12 11.91 11.44
C SER A 41 -0.30 13.37 11.05
N GLY A 42 -1.22 13.62 10.12
CA GLY A 42 -1.48 14.99 9.68
C GLY A 42 -2.84 15.14 9.04
N PRO A 43 -2.99 14.61 7.82
CA PRO A 43 -4.24 14.68 7.07
C PRO A 43 -5.34 13.81 7.69
N SER A 44 -6.59 14.25 7.54
CA SER A 44 -7.72 13.51 8.08
C SER A 44 -7.80 12.10 7.49
N SER A 45 -8.66 11.27 8.08
CA SER A 45 -8.83 9.90 7.60
C SER A 45 -7.49 9.28 7.25
N GLY A 46 -6.48 9.52 8.10
CA GLY A 46 -5.17 8.97 7.86
C GLY A 46 -4.95 7.64 8.55
ZN ZN B . 2.25 1.33 1.65
N GLY A 1 -5.87 9.44 -21.09
CA GLY A 1 -7.11 9.03 -21.70
C GLY A 1 -7.47 7.58 -21.41
N SER A 2 -7.91 6.86 -22.43
CA SER A 2 -8.28 5.46 -22.27
C SER A 2 -7.13 4.66 -21.66
N SER A 3 -6.02 4.58 -22.40
CA SER A 3 -4.85 3.85 -21.94
C SER A 3 -4.39 4.35 -20.57
N GLY A 4 -3.36 3.71 -20.03
CA GLY A 4 -2.84 4.11 -18.73
C GLY A 4 -1.79 3.15 -18.21
N SER A 5 -2.19 1.90 -18.00
CA SER A 5 -1.28 0.88 -17.49
C SER A 5 -1.35 -0.39 -18.34
N SER A 6 -0.23 -0.76 -18.93
CA SER A 6 -0.16 -1.95 -19.77
C SER A 6 0.88 -2.93 -19.25
N GLY A 7 0.66 -4.22 -19.49
CA GLY A 7 1.60 -5.23 -19.04
C GLY A 7 1.04 -6.64 -19.18
N THR A 8 1.62 -7.57 -18.45
CA THR A 8 1.17 -8.96 -18.49
C THR A 8 0.51 -9.37 -17.18
N GLY A 9 0.18 -8.38 -16.35
CA GLY A 9 -0.46 -8.65 -15.08
C GLY A 9 -0.56 -7.42 -14.20
N GLU A 10 -1.61 -6.64 -14.39
CA GLU A 10 -1.81 -5.43 -13.61
C GLU A 10 -1.74 -5.73 -12.11
N LYS A 11 -0.82 -5.06 -11.44
CA LYS A 11 -0.64 -5.25 -10.00
C LYS A 11 -1.98 -5.53 -9.32
N PRO A 12 -2.27 -6.82 -9.11
CA PRO A 12 -3.52 -7.26 -8.46
C PRO A 12 -3.56 -6.90 -6.98
N PHE A 13 -2.47 -6.31 -6.49
CA PHE A 13 -2.39 -5.91 -5.09
C PHE A 13 -1.72 -4.55 -4.95
N GLU A 14 -2.49 -3.56 -4.49
CA GLU A 14 -1.97 -2.21 -4.32
C GLU A 14 -2.20 -1.73 -2.89
N CYS A 15 -1.16 -1.15 -2.30
CA CYS A 15 -1.24 -0.65 -0.93
C CYS A 15 -2.11 0.61 -0.86
N ALA A 16 -3.18 0.53 -0.08
CA ALA A 16 -4.09 1.66 0.08
C ALA A 16 -3.70 2.52 1.27
N GLU A 17 -2.39 2.70 1.46
CA GLU A 17 -1.89 3.51 2.55
C GLU A 17 -0.90 4.56 2.05
N CYS A 18 0.19 4.09 1.44
CA CYS A 18 1.21 4.99 0.91
C CYS A 18 1.00 5.25 -0.58
N GLY A 19 0.77 4.17 -1.33
CA GLY A 19 0.55 4.30 -2.75
C GLY A 19 1.56 3.51 -3.57
N LYS A 20 1.70 2.22 -3.24
CA LYS A 20 2.64 1.36 -3.95
C LYS A 20 1.95 0.08 -4.42
N SER A 21 2.17 -0.27 -5.68
CA SER A 21 1.58 -1.47 -6.25
C SER A 21 2.53 -2.66 -6.15
N PHE A 22 1.96 -3.86 -6.20
CA PHE A 22 2.76 -5.09 -6.11
C PHE A 22 2.24 -6.15 -7.07
N SER A 23 3.16 -6.94 -7.63
CA SER A 23 2.79 -7.99 -8.57
C SER A 23 2.15 -9.17 -7.85
N ILE A 24 2.68 -9.48 -6.66
CA ILE A 24 2.17 -10.59 -5.86
C ILE A 24 1.71 -10.11 -4.49
N SER A 25 0.78 -10.85 -3.89
CA SER A 25 0.26 -10.50 -2.57
C SER A 25 1.38 -10.52 -1.53
N SER A 26 2.13 -11.62 -1.50
CA SER A 26 3.23 -11.77 -0.54
C SER A 26 3.98 -10.46 -0.37
N GLN A 27 4.51 -9.93 -1.47
CA GLN A 27 5.25 -8.68 -1.44
C GLN A 27 4.52 -7.64 -0.60
N LEU A 28 3.27 -7.38 -0.94
CA LEU A 28 2.46 -6.41 -0.21
C LEU A 28 2.54 -6.65 1.29
N ALA A 29 2.59 -7.92 1.67
CA ALA A 29 2.66 -8.29 3.09
C ALA A 29 3.98 -7.83 3.70
N THR A 30 5.08 -8.16 3.05
CA THR A 30 6.40 -7.78 3.54
C THR A 30 6.60 -6.27 3.48
N HIS A 31 5.68 -5.59 2.82
CA HIS A 31 5.75 -4.13 2.69
C HIS A 31 4.97 -3.46 3.81
N GLN A 32 3.67 -3.74 3.88
CA GLN A 32 2.81 -3.15 4.90
C GLN A 32 3.47 -3.25 6.28
N ARG A 33 4.43 -4.16 6.41
CA ARG A 33 5.12 -4.35 7.68
C ARG A 33 5.72 -3.04 8.18
N ILE A 34 5.77 -2.05 7.29
CA ILE A 34 6.31 -0.75 7.65
C ILE A 34 5.22 0.19 8.15
N HIS A 35 3.99 -0.10 7.75
CA HIS A 35 2.85 0.71 8.17
C HIS A 35 2.38 0.32 9.56
N THR A 36 3.22 -0.41 10.29
CA THR A 36 2.88 -0.85 11.64
C THR A 36 3.52 0.06 12.68
N GLY A 37 3.71 1.33 12.34
CA GLY A 37 4.31 2.27 13.25
C GLY A 37 3.48 2.44 14.52
N GLU A 38 4.03 3.18 15.48
CA GLU A 38 3.35 3.42 16.75
C GLU A 38 2.94 4.89 16.88
N LYS A 39 3.43 5.72 15.97
CA LYS A 39 3.12 7.14 15.98
C LYS A 39 1.63 7.37 15.77
N PRO A 40 1.08 8.37 16.47
CA PRO A 40 -0.35 8.72 16.38
C PRO A 40 -0.71 9.33 15.03
N SER A 41 -1.97 9.21 14.64
CA SER A 41 -2.44 9.75 13.38
C SER A 41 -3.50 10.84 13.60
N GLY A 42 -3.28 11.64 14.64
CA GLY A 42 -4.23 12.70 14.95
C GLY A 42 -3.79 14.04 14.38
N PRO A 43 -2.97 14.77 15.15
CA PRO A 43 -2.47 16.09 14.74
C PRO A 43 -1.47 16.00 13.59
N SER A 44 -1.74 16.75 12.52
CA SER A 44 -0.86 16.74 11.36
C SER A 44 0.59 16.85 11.77
N SER A 45 1.30 15.72 11.71
CA SER A 45 2.72 15.70 12.08
C SER A 45 3.59 15.30 10.90
N GLY A 46 3.26 15.85 9.73
CA GLY A 46 4.02 15.54 8.53
C GLY A 46 3.27 15.88 7.26
ZN ZN B . 2.18 1.10 1.91
#